data_3J5Y
#
_entry.id   3J5Y
#
_cell.length_a   1
_cell.length_b   1
_cell.length_c   1
_cell.angle_alpha   90
_cell.angle_beta   90
_cell.angle_gamma   90
#
_symmetry.space_group_name_H-M   'P 1'
#
loop_
_entity.id
_entity.type
_entity.pdbx_description
1 polymer 'Eukaryotic peptide chain release factor subunit 1'
2 polymer 'Eukaryotic peptide chain release factor GTP-binding subunit ERF3A'
3 polymer "5'-R(*AP*UP*UP*GP*UP*AP*AP*AP*AP*A)-3'"
4 polymer tRNA-Leu
#
loop_
_entity_poly.entity_id
_entity_poly.type
_entity_poly.pdbx_seq_one_letter_code
_entity_poly.pdbx_strand_id
1 'polypeptide(L)'
;AADRNVEIWKIKKLIKSLEAARGNGTSMISLIIPPKDQISRVAKMLADEFGTASNIKSRVNRLSVLGAITSVQQRLKLYN
KVPPNGLVVYCGTIVTEEGKEKKVNIDFEPFKPINTSLYLCDNKFHTEALTALLSDDSKFGFIVIDGSGALFGTLQGNTR
EVLHKFTVDLPKKHGRGGQSALRFARLRMEKRHNYVRKVAETAVQLFISGDKVNVAGLVLAGSADFKTELSQSDMFDQRL
QSKVLKLVDISYGGENGFNQAIELSTEVLSNVKFIQEKKLIGRYFDEISQDTGKYCFGVEDTLKALEMGAVEILIVYENL
DIMRYVLHCQGTEEEKILYLTPEQEKDKSHFTDKETGQEHELIESMPLLEWFANNYKKFGATLEIVTDKSQEGSQFVKGF
GGIGGILRYRVDFQ
;
A
2 'polypeptide(L)'
;APKKEHVNVVFIGHVDAGKSTIGGQIMYLTGMVDKRTLEKYEREAKEKNRETWYLSWALDTNQEERDKGKTVEVGRAYFE
TEKKHFTILDAPGHKSFVPNMIGGASQADLAVLVISARKGEFETGFEKGGQTREHAMLAKTAGVKHLIVLINKMDDPTVN
WSIERYEECKEKLVPFLKKVGFSPKKDIHFMPCSGLTGANIKEQSDFCPWYTGLPFIPYLDNLPNFNRSIDGPIRLPIVD
KYKDMGTVVLGKLESGSICKGQQLVMMPNKHNVEVLGILSDDVETDTVAPGENLKIRLKGIEEEEILPGFILCDPNNLCH
SGRTFDAQIVIIEHKSIICPGYNAVLHIHTCIEEVEITALICLVDKKSGEKSKTRPRFVKQDQVCIARLRTAGTICLETF
KDFPQMGRFTLRDEGKTIAIGKVLKLVP
;
B
3 'polyribonucleotide' AUUGUAAAAA C
4 'polyribonucleotide'
;GCGGGGGUUGCCGAGCCUGGUCAAAGGCGGGGGACUCAAGAUCCCCUCCCGUAGGGGUUCCGGGGUUCGAAUCCCCGCCC
CCGCACCA
;
D
#
loop_
_chem_comp.id
_chem_comp.type
_chem_comp.name
_chem_comp.formula
A RNA linking ADENOSINE-5'-MONOPHOSPHATE 'C10 H14 N5 O7 P'
C RNA linking CYTIDINE-5'-MONOPHOSPHATE 'C9 H14 N3 O8 P'
G RNA linking GUANOSINE-5'-MONOPHOSPHATE 'C10 H14 N5 O8 P'
U RNA linking URIDINE-5'-MONOPHOSPHATE 'C9 H13 N2 O9 P'
#
# COMPACT_ATOMS: atom_id res chain seq x y z
N ALA A 1 -13.15 17.16 -29.86
CA ALA A 1 -12.39 16.77 -28.68
C ALA A 1 -10.90 16.63 -28.99
N ALA A 2 -10.60 16.14 -30.27
CA ALA A 2 -9.29 15.87 -30.70
C ALA A 2 -8.37 17.07 -30.93
N ASP A 3 -9.06 18.20 -30.97
CA ASP A 3 -8.67 19.52 -31.14
C ASP A 3 -8.34 20.23 -29.83
N ARG A 4 -8.85 19.72 -28.67
CA ARG A 4 -8.58 20.11 -27.34
C ARG A 4 -7.47 19.37 -26.66
N ASN A 5 -7.26 18.06 -27.06
CA ASN A 5 -5.96 17.36 -26.81
C ASN A 5 -4.72 18.23 -27.26
N VAL A 6 -4.79 18.70 -28.50
CA VAL A 6 -3.80 19.65 -28.99
C VAL A 6 -3.61 20.97 -28.23
N GLU A 7 -4.75 21.60 -27.85
CA GLU A 7 -4.77 22.73 -26.92
C GLU A 7 -4.08 22.52 -25.61
N ILE A 8 -4.32 21.43 -24.88
CA ILE A 8 -3.75 21.06 -23.58
C ILE A 8 -2.26 20.77 -23.68
N TRP A 9 -1.90 20.06 -24.81
CA TRP A 9 -0.50 19.87 -25.07
C TRP A 9 0.23 21.20 -25.25
N LYS A 10 -0.26 22.15 -26.07
CA LYS A 10 0.16 23.54 -26.29
C LYS A 10 0.31 24.34 -24.96
N ILE A 11 -0.77 24.34 -24.13
CA ILE A 11 -0.77 24.92 -22.82
C ILE A 11 0.26 24.46 -21.85
N LYS A 12 0.47 23.06 -21.73
CA LYS A 12 1.57 22.45 -21.01
C LYS A 12 2.93 23.04 -21.48
N LYS A 13 3.20 22.95 -22.85
CA LYS A 13 4.31 23.61 -23.45
C LYS A 13 4.55 25.07 -23.12
N LEU A 14 3.57 25.91 -23.56
CA LEU A 14 3.45 27.30 -23.15
C LEU A 14 3.77 27.58 -21.69
N ILE A 15 2.99 27.04 -20.77
CA ILE A 15 3.25 27.15 -19.29
C ILE A 15 4.70 26.94 -18.86
N LYS A 16 5.35 25.85 -19.35
CA LYS A 16 6.67 25.46 -18.87
C LYS A 16 7.62 26.41 -19.51
N SER A 17 7.50 26.54 -20.87
CA SER A 17 8.43 27.37 -21.56
C SER A 17 8.11 28.88 -21.37
N LEU A 18 7.47 29.31 -20.33
CA LEU A 18 7.39 30.72 -19.95
C LEU A 18 8.03 31.03 -18.62
N GLU A 19 8.28 29.98 -17.81
CA GLU A 19 9.19 30.02 -16.64
C GLU A 19 10.63 29.86 -17.00
N ALA A 20 10.90 29.11 -18.08
CA ALA A 20 12.22 28.87 -18.67
C ALA A 20 12.67 30.15 -19.38
N ALA A 21 11.66 31.04 -19.63
CA ALA A 21 11.86 32.42 -19.98
C ALA A 21 12.07 33.33 -18.70
N ARG A 22 13.40 33.26 -18.23
CA ARG A 22 13.97 34.10 -17.25
C ARG A 22 15.03 35.02 -17.86
N GLY A 23 15.09 36.27 -17.32
CA GLY A 23 15.78 37.48 -17.60
C GLY A 23 16.25 38.01 -16.33
N ASN A 24 16.55 39.34 -16.14
CA ASN A 24 17.23 39.77 -14.95
C ASN A 24 16.66 41.22 -14.79
N GLY A 25 16.70 41.83 -13.57
CA GLY A 25 16.15 43.10 -13.24
C GLY A 25 14.69 43.14 -13.18
N THR A 26 14.02 44.12 -13.82
CA THR A 26 12.56 44.12 -13.83
C THR A 26 12.13 44.16 -15.24
N SER A 27 13.03 43.58 -16.05
CA SER A 27 12.91 43.53 -17.52
C SER A 27 11.91 42.53 -17.98
N MET A 28 10.92 42.09 -17.20
CA MET A 28 10.08 40.94 -17.64
C MET A 28 8.67 41.19 -17.24
N ILE A 29 7.99 41.86 -18.17
CA ILE A 29 6.66 42.44 -17.86
C ILE A 29 5.65 41.31 -18.13
N SER A 30 4.65 41.08 -17.23
CA SER A 30 3.48 40.31 -17.52
C SER A 30 2.28 41.30 -17.43
N LEU A 31 1.46 41.32 -18.56
CA LEU A 31 0.32 42.16 -18.69
C LEU A 31 -0.86 41.39 -19.17
N ILE A 32 -1.93 41.51 -18.41
CA ILE A 32 -3.21 40.80 -18.68
C ILE A 32 -4.31 41.82 -18.60
N ILE A 33 -4.90 42.15 -19.76
CA ILE A 33 -5.87 43.19 -20.08
C ILE A 33 -7.23 42.49 -20.09
N PRO A 34 -8.22 42.61 -19.12
CA PRO A 34 -9.37 41.69 -19.10
C PRO A 34 -10.44 41.91 -20.19
N PRO A 35 -11.34 41.00 -20.38
CA PRO A 35 -12.49 41.07 -21.38
C PRO A 35 -13.02 42.43 -21.52
N LYS A 36 -13.06 42.88 -22.79
CA LYS A 36 -13.65 44.14 -23.26
C LYS A 36 -13.36 45.43 -22.61
N ASP A 37 -12.11 45.55 -22.03
CA ASP A 37 -11.64 46.82 -21.51
C ASP A 37 -11.43 48.02 -22.52
N GLN A 38 -10.60 49.04 -22.09
CA GLN A 38 -10.42 50.30 -22.87
C GLN A 38 -8.99 50.45 -23.35
N ILE A 39 -8.67 50.12 -24.66
CA ILE A 39 -7.32 50.13 -25.28
C ILE A 39 -6.52 51.39 -24.91
N SER A 40 -7.05 52.57 -25.25
CA SER A 40 -6.52 53.82 -24.77
C SER A 40 -6.19 54.01 -23.27
N ARG A 41 -6.98 53.42 -22.29
CA ARG A 41 -6.76 53.50 -20.88
C ARG A 41 -5.45 52.80 -20.50
N VAL A 42 -5.35 51.51 -20.91
CA VAL A 42 -4.13 50.70 -20.81
C VAL A 42 -2.91 51.38 -21.50
N ALA A 43 -3.00 51.74 -22.79
CA ALA A 43 -1.87 52.31 -23.49
C ALA A 43 -1.36 53.60 -22.86
N LYS A 44 -2.24 54.42 -22.32
CA LYS A 44 -1.86 55.56 -21.59
C LYS A 44 -1.11 55.20 -20.30
N MET A 45 -1.70 54.27 -19.47
CA MET A 45 -1.13 53.87 -18.20
C MET A 45 0.24 53.19 -18.40
N LEU A 46 0.49 52.65 -19.59
CA LEU A 46 1.87 52.21 -19.95
C LEU A 46 2.80 53.34 -20.39
N ALA A 47 2.25 54.49 -20.84
CA ALA A 47 3.11 55.66 -21.15
C ALA A 47 3.40 56.34 -19.79
N ASP A 48 2.44 56.23 -18.79
CA ASP A 48 2.79 56.57 -17.41
C ASP A 48 3.80 55.64 -16.80
N GLU A 49 3.83 54.34 -17.17
CA GLU A 49 4.87 53.41 -16.73
C GLU A 49 6.21 53.66 -17.37
N PHE A 50 6.28 53.78 -18.74
CA PHE A 50 7.54 54.17 -19.43
C PHE A 50 8.12 55.46 -18.82
N GLY A 51 7.29 56.42 -18.51
CA GLY A 51 7.76 57.71 -17.90
C GLY A 51 8.48 57.58 -16.56
N THR A 52 8.12 56.64 -15.73
CA THR A 52 8.69 56.40 -14.42
C THR A 52 9.86 55.48 -14.57
N ALA A 53 9.82 54.48 -15.53
CA ALA A 53 10.98 53.72 -15.93
C ALA A 53 11.95 54.43 -16.75
N SER A 54 11.89 55.75 -16.83
CA SER A 54 12.92 56.49 -17.54
C SER A 54 13.93 57.08 -16.56
N ASN A 55 13.73 56.66 -15.27
CA ASN A 55 14.55 56.83 -14.16
C ASN A 55 15.01 55.33 -13.86
N ILE A 56 14.24 54.66 -12.92
CA ILE A 56 14.31 53.22 -12.63
C ILE A 56 15.54 52.71 -11.98
N LYS A 57 16.67 53.34 -12.28
CA LYS A 57 17.89 52.81 -11.73
C LYS A 57 18.45 51.60 -12.38
N SER A 58 19.72 51.70 -12.71
CA SER A 58 20.61 50.72 -13.31
C SER A 58 20.53 50.58 -14.82
N ARG A 59 21.11 51.63 -15.57
CA ARG A 59 21.47 51.58 -17.02
C ARG A 59 20.77 50.50 -17.93
N VAL A 60 21.33 49.30 -18.12
CA VAL A 60 20.81 48.24 -19.03
C VAL A 60 19.37 47.83 -18.62
N ASN A 61 18.96 47.85 -17.30
CA ASN A 61 17.64 47.59 -16.90
C ASN A 61 16.66 48.62 -17.47
N ARG A 62 16.98 49.92 -17.36
CA ARG A 62 16.18 51.02 -18.02
C ARG A 62 15.94 50.76 -19.46
N LEU A 63 16.96 50.91 -20.21
CA LEU A 63 16.96 50.67 -21.64
C LEU A 63 16.26 49.42 -22.17
N SER A 64 16.23 48.35 -21.34
CA SER A 64 15.62 47.07 -21.71
C SER A 64 14.11 47.12 -21.40
N VAL A 65 13.72 47.55 -20.19
CA VAL A 65 12.34 47.89 -19.70
C VAL A 65 11.63 48.85 -20.65
N LEU A 66 12.28 49.94 -21.09
CA LEU A 66 11.81 50.85 -22.10
C LEU A 66 11.47 50.15 -23.38
N GLY A 67 12.44 49.40 -23.95
CA GLY A 67 12.24 48.66 -25.21
C GLY A 67 11.10 47.60 -25.07
N ALA A 68 10.70 47.25 -23.88
CA ALA A 68 9.75 46.24 -23.69
C ALA A 68 8.36 46.70 -23.33
N ILE A 69 8.25 47.98 -22.90
CA ILE A 69 7.06 48.75 -22.86
C ILE A 69 6.77 49.22 -24.25
N THR A 70 7.76 49.67 -25.02
CA THR A 70 7.67 50.13 -26.42
C THR A 70 7.03 49.03 -27.33
N SER A 71 7.49 47.82 -27.27
CA SER A 71 6.87 46.70 -28.01
C SER A 71 5.43 46.50 -27.86
N VAL A 72 4.92 46.66 -26.60
CA VAL A 72 3.47 46.56 -26.26
C VAL A 72 2.77 47.79 -26.69
N GLN A 73 3.28 48.97 -26.38
CA GLN A 73 2.69 50.31 -26.78
C GLN A 73 2.40 50.36 -28.27
N GLN A 74 3.33 49.94 -29.10
CA GLN A 74 3.16 49.85 -30.53
C GLN A 74 2.09 48.83 -30.88
N ARG A 75 2.07 47.66 -30.30
CA ARG A 75 1.10 46.64 -30.79
C ARG A 75 -0.27 46.68 -30.30
N LEU A 76 -0.45 47.44 -29.21
CA LEU A 76 -1.76 47.61 -28.58
C LEU A 76 -2.74 48.56 -29.29
N LYS A 77 -2.20 49.38 -30.23
CA LYS A 77 -2.88 50.21 -31.17
C LYS A 77 -3.29 49.52 -32.50
N LEU A 78 -2.74 48.29 -32.66
CA LEU A 78 -3.20 47.34 -33.67
C LEU A 78 -4.61 46.93 -33.37
N TYR A 79 -4.92 46.55 -32.06
CA TYR A 79 -6.28 46.21 -31.68
C TYR A 79 -7.33 47.29 -31.73
N ASN A 80 -8.44 46.98 -32.31
CA ASN A 80 -9.61 47.83 -32.41
C ASN A 80 -10.31 47.96 -31.14
N LYS A 81 -10.57 46.90 -30.37
CA LYS A 81 -11.10 46.84 -29.03
C LYS A 81 -10.40 45.68 -28.21
N VAL A 82 -10.70 45.54 -26.89
CA VAL A 82 -10.17 44.44 -26.01
C VAL A 82 -11.04 43.29 -26.31
N PRO A 83 -10.71 42.14 -26.88
CA PRO A 83 -11.67 41.12 -27.32
C PRO A 83 -12.45 40.64 -26.02
N PRO A 84 -13.45 39.84 -26.14
CA PRO A 84 -14.15 39.21 -25.05
C PRO A 84 -13.31 38.33 -24.14
N ASN A 85 -12.11 37.89 -24.60
CA ASN A 85 -11.18 36.99 -23.96
C ASN A 85 -10.07 37.74 -23.30
N GLY A 86 -10.03 39.11 -23.48
CA GLY A 86 -8.93 39.86 -23.04
C GLY A 86 -7.69 39.55 -23.78
N LEU A 87 -6.64 40.36 -23.55
CA LEU A 87 -5.35 40.18 -24.21
C LEU A 87 -4.31 39.82 -23.09
N VAL A 88 -3.52 38.73 -23.32
CA VAL A 88 -2.43 38.31 -22.39
C VAL A 88 -1.14 38.65 -23.18
N VAL A 89 -0.25 39.46 -22.62
CA VAL A 89 0.94 39.83 -23.29
C VAL A 89 2.07 39.58 -22.29
N TYR A 90 3.24 39.17 -22.80
CA TYR A 90 4.38 38.84 -22.03
C TYR A 90 5.51 39.48 -22.95
N CYS A 91 6.14 40.61 -22.53
CA CYS A 91 7.26 41.33 -23.22
C CYS A 91 8.41 41.43 -22.21
N GLY A 92 9.67 41.26 -22.70
CA GLY A 92 10.90 41.33 -21.98
C GLY A 92 12.04 40.82 -22.84
N THR A 93 13.08 40.29 -22.23
CA THR A 93 14.26 39.79 -22.90
C THR A 93 14.81 38.70 -22.06
N ILE A 94 15.21 37.55 -22.59
CA ILE A 94 15.51 36.36 -21.79
C ILE A 94 16.84 35.86 -22.25
N VAL A 95 17.54 35.16 -21.32
CA VAL A 95 18.78 34.44 -21.62
C VAL A 95 18.23 32.97 -21.89
N THR A 96 18.92 32.23 -22.79
CA THR A 96 18.46 30.92 -23.15
C THR A 96 19.68 30.06 -23.14
N GLU A 97 19.59 28.80 -23.71
CA GLU A 97 20.68 27.87 -23.68
C GLU A 97 21.91 28.39 -24.56
N GLU A 98 23.06 28.02 -23.95
CA GLU A 98 24.39 28.45 -24.39
C GLU A 98 24.72 29.87 -23.86
N GLY A 99 23.90 30.38 -22.87
CA GLY A 99 24.06 31.74 -22.25
C GLY A 99 23.83 32.84 -23.26
N LYS A 100 22.99 32.59 -24.31
CA LYS A 100 22.63 33.53 -25.32
C LYS A 100 21.41 34.45 -25.04
N GLU A 101 21.29 35.71 -25.62
CA GLU A 101 20.17 36.59 -25.25
C GLU A 101 19.12 36.93 -26.38
N LYS A 102 17.78 36.80 -26.08
CA LYS A 102 16.70 36.98 -27.02
C LYS A 102 15.60 37.93 -26.52
N LYS A 103 15.27 38.98 -27.22
CA LYS A 103 14.18 39.87 -26.89
C LYS A 103 12.76 39.23 -27.11
N VAL A 104 12.07 38.86 -26.01
CA VAL A 104 10.83 38.08 -26.10
C VAL A 104 9.63 38.97 -26.00
N ASN A 105 8.85 38.85 -27.08
CA ASN A 105 7.66 39.68 -27.28
C ASN A 105 6.42 38.93 -27.66
N ILE A 106 5.61 38.54 -26.72
CA ILE A 106 4.42 37.68 -26.90
C ILE A 106 3.17 38.51 -26.59
N ASP A 107 2.11 38.38 -27.41
CA ASP A 107 0.89 39.04 -27.23
C ASP A 107 -0.19 38.12 -27.92
N PHE A 108 -1.06 37.56 -27.09
CA PHE A 108 -2.06 36.63 -27.64
C PHE A 108 -3.48 36.85 -27.01
N GLU A 109 -4.47 36.19 -27.52
CA GLU A 109 -5.81 36.15 -26.95
C GLU A 109 -6.16 34.76 -26.40
N PRO A 110 -6.13 34.35 -25.12
CA PRO A 110 -6.60 33.05 -24.66
C PRO A 110 -7.84 32.44 -25.25
N PHE A 111 -7.72 31.11 -25.56
CA PHE A 111 -8.77 30.35 -26.17
C PHE A 111 -10.13 30.42 -25.39
N LYS A 112 -9.95 30.33 -24.06
CA LYS A 112 -11.09 30.38 -23.11
C LYS A 112 -10.86 31.81 -22.51
N PRO A 113 -11.82 32.69 -22.19
CA PRO A 113 -11.60 33.96 -21.55
C PRO A 113 -10.79 33.92 -20.22
N ILE A 114 -9.85 34.82 -20.00
CA ILE A 114 -9.08 35.06 -18.80
C ILE A 114 -10.03 35.81 -17.89
N ASN A 115 -9.94 35.50 -16.58
CA ASN A 115 -10.79 35.87 -15.43
C ASN A 115 -9.96 36.57 -14.36
N THR A 116 -8.91 37.30 -14.75
CA THR A 116 -7.96 37.92 -13.82
C THR A 116 -7.23 39.07 -14.48
N SER A 117 -6.54 39.93 -13.76
CA SER A 117 -5.92 41.11 -14.19
C SER A 117 -4.55 41.03 -13.57
N LEU A 118 -3.58 41.72 -14.11
CA LEU A 118 -2.15 41.65 -13.69
C LEU A 118 -1.27 42.63 -14.59
N TYR A 119 -0.54 43.56 -13.94
CA TYR A 119 0.56 44.26 -14.63
C TYR A 119 1.67 44.07 -13.65
N LEU A 120 2.75 43.40 -14.00
CA LEU A 120 3.74 43.01 -13.01
C LEU A 120 5.07 42.87 -13.71
N CYS A 121 6.17 43.49 -13.22
CA CYS A 121 7.41 43.22 -13.91
C CYS A 121 8.47 42.58 -12.95
N ASP A 122 8.70 41.30 -13.07
CA ASP A 122 9.78 40.59 -12.36
C ASP A 122 10.99 40.39 -13.28
N ASN A 123 11.80 39.30 -13.01
CA ASN A 123 12.91 38.81 -13.85
C ASN A 123 12.53 37.45 -14.54
N LYS A 124 11.30 36.90 -14.42
CA LYS A 124 10.69 35.82 -15.09
C LYS A 124 9.26 36.04 -15.36
N PHE A 125 8.65 35.37 -16.34
CA PHE A 125 7.25 35.54 -16.53
C PHE A 125 6.35 34.81 -15.58
N HIS A 126 5.07 35.24 -15.44
CA HIS A 126 4.05 34.68 -14.54
C HIS A 126 3.10 33.83 -15.40
N THR A 127 2.83 32.59 -14.91
CA THR A 127 2.12 31.49 -15.62
C THR A 127 1.00 30.87 -14.87
N GLU A 128 0.84 31.32 -13.61
CA GLU A 128 -0.23 30.87 -12.76
C GLU A 128 -1.63 31.08 -13.28
N ALA A 129 -2.03 32.25 -13.92
CA ALA A 129 -3.26 32.51 -14.52
C ALA A 129 -3.78 31.53 -15.62
N LEU A 130 -2.77 31.04 -16.44
CA LEU A 130 -3.11 30.12 -17.60
C LEU A 130 -3.59 28.71 -17.15
N THR A 131 -3.38 28.32 -15.87
CA THR A 131 -3.86 27.08 -15.28
C THR A 131 -5.44 27.07 -15.26
N ALA A 132 -6.03 28.19 -14.87
CA ALA A 132 -7.46 28.50 -15.01
C ALA A 132 -8.08 28.34 -16.31
N LEU A 133 -7.37 28.50 -17.45
CA LEU A 133 -7.93 28.18 -18.73
C LEU A 133 -8.33 26.65 -18.79
N LEU A 134 -7.51 25.63 -18.39
CA LEU A 134 -7.96 24.24 -18.54
C LEU A 134 -8.89 23.92 -17.34
N SER A 135 -8.57 24.45 -16.07
CA SER A 135 -9.42 24.16 -14.90
C SER A 135 -9.80 22.78 -14.52
N ASP A 136 -10.81 22.63 -13.58
CA ASP A 136 -10.82 21.51 -12.63
C ASP A 136 -11.97 20.57 -12.86
N ASP A 137 -11.67 19.24 -12.96
CA ASP A 137 -12.12 18.30 -12.08
C ASP A 137 -11.42 18.36 -10.68
N SER A 138 -12.18 18.01 -9.62
CA SER A 138 -11.80 17.91 -8.24
C SER A 138 -10.78 16.88 -7.89
N LYS A 139 -10.74 16.31 -6.73
CA LYS A 139 -10.42 16.89 -5.45
C LYS A 139 -11.37 16.37 -4.41
N PHE A 140 -10.99 15.16 -3.92
CA PHE A 140 -11.62 14.41 -2.90
C PHE A 140 -10.89 14.34 -1.62
N GLY A 141 -11.55 14.21 -0.49
CA GLY A 141 -10.94 13.98 0.83
C GLY A 141 -11.09 12.54 1.22
N PHE A 142 -10.17 12.07 2.08
CA PHE A 142 -10.03 10.63 2.38
C PHE A 142 -9.72 10.68 3.85
N ILE A 143 -10.49 9.94 4.67
CA ILE A 143 -10.30 9.67 6.10
C ILE A 143 -9.98 8.21 6.16
N VAL A 144 -8.80 7.88 6.80
CA VAL A 144 -8.35 6.51 6.95
C VAL A 144 -8.26 6.17 8.43
N ILE A 145 -9.22 5.44 8.92
CA ILE A 145 -9.37 4.94 10.33
C ILE A 145 -8.80 3.49 10.54
N ASP A 146 -8.11 3.29 11.70
CA ASP A 146 -7.44 1.99 11.96
C ASP A 146 -7.34 1.95 13.46
N GLY A 147 -7.07 0.76 14.03
CA GLY A 147 -7.04 0.74 15.50
C GLY A 147 -5.73 1.25 16.06
N SER A 148 -4.71 1.54 15.23
CA SER A 148 -3.47 2.17 15.65
C SER A 148 -3.46 3.70 15.36
N GLY A 149 -4.42 4.24 14.61
CA GLY A 149 -4.27 5.64 14.29
C GLY A 149 -5.20 6.09 13.22
N ALA A 150 -5.16 7.37 12.84
CA ALA A 150 -5.88 7.88 11.71
C ALA A 150 -5.11 8.92 10.93
N LEU A 151 -5.54 9.12 9.65
CA LEU A 151 -4.84 9.84 8.63
C LEU A 151 -5.86 10.59 7.79
N PHE A 152 -5.62 11.91 7.49
CA PHE A 152 -6.43 12.91 6.78
C PHE A 152 -5.63 13.10 5.60
N GLY A 153 -6.22 13.15 4.37
CA GLY A 153 -5.38 13.19 3.19
C GLY A 153 -6.34 13.57 2.11
N THR A 154 -5.84 13.90 0.86
CA THR A 154 -6.60 14.11 -0.30
C THR A 154 -6.11 13.30 -1.46
N LEU A 155 -7.03 13.13 -2.38
CA LEU A 155 -6.78 12.53 -3.73
C LEU A 155 -7.33 13.45 -4.78
N GLN A 156 -6.45 14.12 -5.54
CA GLN A 156 -6.71 15.05 -6.60
C GLN A 156 -6.00 14.45 -7.76
N GLY A 157 -6.69 14.12 -8.90
CA GLY A 157 -6.16 13.31 -10.01
C GLY A 157 -5.84 11.87 -9.69
N ASN A 158 -4.51 11.56 -9.83
CA ASN A 158 -3.90 10.26 -9.46
C ASN A 158 -2.95 10.49 -8.34
N THR A 159 -2.99 11.65 -7.62
CA THR A 159 -1.97 12.02 -6.60
C THR A 159 -2.59 11.94 -5.21
N ARG A 160 -2.22 10.91 -4.39
CA ARG A 160 -2.43 10.85 -2.99
C ARG A 160 -1.48 11.84 -2.28
N GLU A 161 -2.07 12.74 -1.49
CA GLU A 161 -1.37 13.70 -0.70
C GLU A 161 -1.80 13.62 0.76
N VAL A 162 -0.82 13.56 1.68
CA VAL A 162 -1.06 13.39 3.11
C VAL A 162 -1.06 14.73 3.84
N LEU A 163 -2.19 15.04 4.52
CA LEU A 163 -2.30 16.38 5.07
C LEU A 163 -1.98 16.33 6.56
N HIS A 164 -2.19 15.18 7.22
CA HIS A 164 -2.20 15.14 8.65
C HIS A 164 -2.50 13.69 9.14
N LYS A 165 -1.83 13.24 10.27
CA LYS A 165 -2.13 11.91 10.75
C LYS A 165 -1.52 11.81 12.16
N PHE A 166 -2.29 11.15 13.11
CA PHE A 166 -1.96 10.91 14.50
C PHE A 166 -2.04 9.47 14.84
N THR A 167 -1.30 9.03 15.87
CA THR A 167 -1.32 7.58 16.35
C THR A 167 -1.80 7.48 17.78
N VAL A 168 -2.49 6.39 18.20
CA VAL A 168 -3.21 6.15 19.41
C VAL A 168 -2.63 4.90 20.13
N ASP A 169 -2.58 4.80 21.49
CA ASP A 169 -2.13 3.67 22.26
C ASP A 169 -3.24 3.14 23.09
N LEU A 170 -3.39 1.81 23.06
CA LEU A 170 -4.38 0.97 23.68
C LEU A 170 -3.78 -0.24 24.40
N PRO A 171 -4.19 -0.60 25.60
CA PRO A 171 -3.39 -1.53 26.44
C PRO A 171 -3.80 -2.93 26.03
N LYS A 172 -3.05 -3.79 25.38
CA LYS A 172 -3.47 -4.96 24.78
C LYS A 172 -3.34 -6.20 25.76
N LYS A 173 -3.46 -5.91 27.06
CA LYS A 173 -3.39 -6.85 28.13
C LYS A 173 -4.53 -6.58 29.05
N HIS A 174 -5.33 -7.68 29.27
CA HIS A 174 -6.51 -7.68 30.09
C HIS A 174 -6.67 -8.88 31.04
N GLY A 175 -5.64 -9.74 31.13
CA GLY A 175 -5.66 -10.89 31.97
C GLY A 175 -5.22 -12.18 31.21
N ARG A 176 -5.36 -13.38 31.73
CA ARG A 176 -4.78 -14.56 31.11
C ARG A 176 -5.73 -15.73 31.19
N GLY A 177 -6.94 -15.47 30.75
CA GLY A 177 -7.99 -16.50 30.90
C GLY A 177 -8.93 -16.27 31.97
N GLY A 178 -8.65 -15.25 32.77
CA GLY A 178 -9.44 -14.82 33.90
C GLY A 178 -9.69 -13.36 33.73
N GLN A 179 -10.16 -12.95 32.53
CA GLN A 179 -10.14 -11.60 32.01
C GLN A 179 -10.78 -10.49 32.93
N SER A 180 -9.97 -9.45 33.27
CA SER A 180 -10.44 -8.28 34.02
C SER A 180 -11.15 -7.21 33.17
N ALA A 181 -12.45 -7.16 33.15
CA ALA A 181 -13.17 -6.15 32.48
C ALA A 181 -13.09 -4.68 32.96
N LEU A 182 -12.58 -4.39 34.19
CA LEU A 182 -12.21 -3.10 34.65
C LEU A 182 -10.97 -2.67 33.86
N ARG A 183 -10.01 -3.60 33.59
CA ARG A 183 -8.86 -3.35 32.68
C ARG A 183 -9.35 -3.05 31.24
N PHE A 184 -10.41 -3.80 30.77
CA PHE A 184 -11.09 -3.57 29.48
C PHE A 184 -11.57 -2.07 29.37
N ALA A 185 -12.61 -1.74 30.12
CA ALA A 185 -13.30 -0.53 30.06
C ALA A 185 -12.51 0.70 30.42
N ARG A 186 -11.93 0.78 31.57
CA ARG A 186 -11.31 1.99 32.09
C ARG A 186 -10.60 3.09 31.27
N LEU A 187 -9.54 2.68 30.54
CA LEU A 187 -8.79 3.54 29.67
C LEU A 187 -9.36 3.56 28.28
N ARG A 188 -9.82 2.43 27.71
CA ARG A 188 -10.39 2.34 26.36
C ARG A 188 -11.66 3.20 26.16
N MET A 189 -12.67 3.12 27.05
CA MET A 189 -13.94 3.99 26.94
C MET A 189 -13.72 5.48 27.02
N GLU A 190 -12.48 5.87 27.18
CA GLU A 190 -12.06 7.21 26.93
C GLU A 190 -11.03 7.44 25.77
N LYS A 191 -10.03 6.56 25.47
CA LYS A 191 -9.18 6.53 24.20
C LYS A 191 -10.00 6.52 22.94
N ARG A 192 -10.86 5.47 22.78
CA ARG A 192 -11.86 5.34 21.69
C ARG A 192 -12.84 6.53 21.60
N HIS A 193 -13.40 6.98 22.76
CA HIS A 193 -14.38 8.10 22.82
C HIS A 193 -13.70 9.38 22.35
N ASN A 194 -12.54 9.73 22.92
CA ASN A 194 -11.80 10.92 22.45
C ASN A 194 -11.24 10.79 21.01
N TYR A 195 -11.30 9.58 20.40
CA TYR A 195 -10.60 9.39 19.16
C TYR A 195 -11.59 9.70 18.08
N VAL A 196 -12.88 9.24 18.16
CA VAL A 196 -13.97 9.59 17.22
C VAL A 196 -14.21 11.07 17.31
N ARG A 197 -14.07 11.69 18.48
CA ARG A 197 -14.09 13.12 18.67
C ARG A 197 -13.00 13.83 17.87
N LYS A 198 -11.75 13.39 17.93
CA LYS A 198 -10.64 14.03 17.31
C LYS A 198 -10.55 13.77 15.81
N VAL A 199 -11.11 12.70 15.33
CA VAL A 199 -11.29 12.45 13.96
C VAL A 199 -12.24 13.47 13.37
N ALA A 200 -13.42 13.70 13.99
CA ALA A 200 -14.32 14.70 13.62
C ALA A 200 -13.76 16.11 13.75
N GLU A 201 -12.94 16.34 14.81
CA GLU A 201 -12.16 17.67 14.93
C GLU A 201 -11.27 17.92 13.76
N THR A 202 -10.35 16.98 13.45
CA THR A 202 -9.37 17.05 12.34
C THR A 202 -9.96 16.79 10.94
N ALA A 203 -11.23 16.39 10.91
CA ALA A 203 -11.97 16.44 9.68
C ALA A 203 -12.55 17.86 9.49
N VAL A 204 -13.12 18.55 10.50
CA VAL A 204 -13.60 19.92 10.38
C VAL A 204 -12.49 20.94 10.24
N GLN A 205 -11.27 20.71 10.75
CA GLN A 205 -10.14 21.66 10.59
C GLN A 205 -9.57 21.56 9.17
N LEU A 206 -9.57 20.30 8.60
CA LEU A 206 -8.83 20.12 7.35
C LEU A 206 -9.68 20.17 6.12
N PHE A 207 -10.95 19.70 6.14
CA PHE A 207 -11.77 19.57 4.94
C PHE A 207 -12.84 20.64 4.90
N ILE A 208 -12.69 21.75 5.74
CA ILE A 208 -13.64 22.87 5.61
C ILE A 208 -12.98 24.20 5.59
N SER A 209 -13.20 24.99 4.46
CA SER A 209 -12.60 26.28 4.28
C SER A 209 -13.61 27.38 3.79
N GLY A 210 -13.74 28.54 4.52
CA GLY A 210 -14.68 29.59 4.15
C GLY A 210 -16.18 29.16 4.25
N ASP A 211 -16.57 28.31 5.23
CA ASP A 211 -17.93 27.90 5.49
C ASP A 211 -18.31 26.78 4.58
N LYS A 212 -17.34 26.14 3.85
CA LYS A 212 -17.72 25.11 2.82
C LYS A 212 -16.67 24.06 2.66
N VAL A 213 -17.03 22.81 2.23
CA VAL A 213 -16.05 21.79 1.97
C VAL A 213 -15.18 22.21 0.77
N ASN A 214 -13.87 22.05 0.93
CA ASN A 214 -12.90 22.52 -0.06
C ASN A 214 -12.83 21.37 -1.09
N VAL A 215 -12.53 20.21 -0.58
CA VAL A 215 -12.82 18.98 -1.33
C VAL A 215 -14.30 18.76 -1.71
N ALA A 216 -14.59 17.99 -2.76
CA ALA A 216 -15.95 17.83 -3.32
C ALA A 216 -16.89 16.87 -2.44
N GLY A 217 -16.12 16.09 -1.72
CA GLY A 217 -16.71 15.09 -0.84
C GLY A 217 -15.73 14.30 -0.15
N LEU A 218 -16.22 13.50 0.83
CA LEU A 218 -15.33 12.67 1.59
C LEU A 218 -15.58 11.24 1.21
N VAL A 219 -14.47 10.50 1.11
CA VAL A 219 -14.56 9.08 1.11
C VAL A 219 -13.96 8.62 2.45
N LEU A 220 -14.74 7.75 3.10
CA LEU A 220 -14.37 7.26 4.39
C LEU A 220 -13.89 5.82 4.28
N ALA A 221 -12.66 5.55 4.79
CA ALA A 221 -12.00 4.24 4.69
C ALA A 221 -11.69 3.79 6.22
N GLY A 222 -11.95 2.51 6.55
CA GLY A 222 -11.57 2.04 7.88
C GLY A 222 -11.81 0.58 8.15
N SER A 223 -11.06 0.10 9.21
CA SER A 223 -11.39 -1.20 9.83
C SER A 223 -12.78 -1.24 10.52
N ALA A 224 -13.21 -2.40 10.91
CA ALA A 224 -14.51 -2.58 11.50
C ALA A 224 -14.76 -1.80 12.83
N ASP A 225 -16.04 -1.45 12.98
CA ASP A 225 -16.65 -0.98 14.17
C ASP A 225 -16.31 0.48 14.56
N PHE A 226 -15.09 0.94 14.11
CA PHE A 226 -14.59 2.26 14.28
C PHE A 226 -15.14 3.28 13.32
N LYS A 227 -15.76 2.86 12.27
CA LYS A 227 -16.27 3.69 11.20
C LYS A 227 -17.80 3.81 11.26
N THR A 228 -18.62 2.83 11.55
CA THR A 228 -20.06 2.88 11.76
C THR A 228 -20.38 3.69 13.05
N GLU A 229 -19.39 3.96 13.88
CA GLU A 229 -19.43 4.77 15.10
C GLU A 229 -19.08 6.18 14.69
N LEU A 230 -18.22 6.37 13.69
CA LEU A 230 -17.76 7.66 13.23
C LEU A 230 -18.72 8.26 12.19
N SER A 231 -19.20 7.53 11.22
CA SER A 231 -20.21 7.96 10.23
C SER A 231 -21.49 8.47 10.76
N GLN A 232 -22.11 7.62 11.61
CA GLN A 232 -23.40 7.97 12.27
C GLN A 232 -23.22 8.85 13.56
N SER A 233 -21.97 9.36 13.86
CA SER A 233 -21.77 10.20 15.03
C SER A 233 -22.53 11.49 15.02
N ASP A 234 -22.81 12.13 16.19
CA ASP A 234 -23.26 13.50 16.34
C ASP A 234 -22.08 14.41 16.21
N MET A 235 -20.83 13.91 16.46
CA MET A 235 -19.60 14.70 16.26
C MET A 235 -19.24 15.00 14.79
N PHE A 236 -19.73 14.06 13.91
CA PHE A 236 -19.52 14.12 12.44
C PHE A 236 -20.74 14.71 11.72
N ASP A 237 -21.87 14.88 12.40
CA ASP A 237 -23.15 15.56 11.97
C ASP A 237 -22.96 16.98 11.31
N GLN A 238 -24.03 17.45 10.59
CA GLN A 238 -23.98 18.65 9.71
C GLN A 238 -23.25 18.40 8.36
N ARG A 239 -22.40 19.38 8.00
CA ARG A 239 -21.84 19.46 6.68
C ARG A 239 -21.00 18.24 6.23
N LEU A 240 -20.15 17.68 7.06
CA LEU A 240 -19.46 16.49 6.63
C LEU A 240 -20.25 15.27 6.31
N GLN A 241 -21.31 15.04 7.12
CA GLN A 241 -22.23 13.89 7.04
C GLN A 241 -23.04 13.88 5.79
N SER A 242 -23.26 15.06 5.23
CA SER A 242 -24.03 15.24 3.96
C SER A 242 -23.09 15.32 2.72
N LYS A 243 -21.80 14.89 2.79
CA LYS A 243 -20.78 14.95 1.74
C LYS A 243 -20.08 13.64 1.73
N VAL A 244 -20.63 12.59 2.40
CA VAL A 244 -20.12 11.21 2.45
C VAL A 244 -20.31 10.46 1.18
N LEU A 245 -19.29 10.41 0.23
CA LEU A 245 -19.52 9.86 -1.11
C LEU A 245 -19.71 8.36 -1.10
N LYS A 246 -18.72 7.69 -0.55
CA LYS A 246 -18.75 6.24 -0.37
C LYS A 246 -18.02 5.88 0.94
N LEU A 247 -18.30 4.72 1.51
CA LEU A 247 -17.49 4.10 2.51
C LEU A 247 -16.73 2.93 1.95
N VAL A 248 -15.78 2.47 2.74
CA VAL A 248 -14.88 1.36 2.34
C VAL A 248 -14.38 0.61 3.59
N ASP A 249 -14.61 -0.70 3.60
CA ASP A 249 -14.08 -1.67 4.51
C ASP A 249 -12.70 -1.99 3.97
N ILE A 250 -11.67 -1.71 4.78
CA ILE A 250 -10.29 -1.97 4.50
C ILE A 250 -9.58 -2.89 5.49
N SER A 251 -8.42 -3.55 5.07
CA SER A 251 -7.79 -4.52 5.89
C SER A 251 -6.76 -3.89 6.67
N TYR A 252 -6.27 -2.65 6.46
CA TYR A 252 -5.12 -2.06 7.16
C TYR A 252 -5.47 -0.67 7.26
N GLY A 253 -4.70 0.21 7.95
CA GLY A 253 -4.85 1.66 7.89
C GLY A 253 -3.61 2.31 7.38
N GLY A 254 -3.45 3.60 7.72
CA GLY A 254 -2.39 4.49 7.28
C GLY A 254 -2.37 4.66 5.73
N GLU A 255 -1.18 4.96 5.19
CA GLU A 255 -0.82 5.01 3.78
C GLU A 255 -0.94 3.72 3.05
N ASN A 256 -0.88 2.62 3.78
CA ASN A 256 -1.12 1.29 3.19
C ASN A 256 -2.56 1.16 2.83
N GLY A 257 -3.45 1.45 3.81
CA GLY A 257 -4.87 1.37 3.66
C GLY A 257 -5.51 2.70 3.02
N PHE A 258 -4.66 3.63 2.56
CA PHE A 258 -5.07 4.78 1.79
C PHE A 258 -5.08 4.36 0.35
N ASN A 259 -4.06 3.49 0.01
CA ASN A 259 -4.07 2.87 -1.26
C ASN A 259 -5.20 1.93 -1.43
N GLN A 260 -5.46 1.01 -0.42
CA GLN A 260 -6.50 0.02 -0.56
C GLN A 260 -7.90 0.63 -0.60
N ALA A 261 -8.10 1.83 0.03
CA ALA A 261 -9.35 2.57 -0.07
C ALA A 261 -9.67 3.28 -1.36
N ILE A 262 -8.74 3.37 -2.28
CA ILE A 262 -8.98 3.89 -3.56
C ILE A 262 -9.27 2.68 -4.40
N GLU A 263 -8.46 1.56 -4.30
CA GLU A 263 -8.70 0.31 -5.07
C GLU A 263 -10.13 -0.23 -5.10
N LEU A 264 -10.71 -0.18 -3.95
CA LEU A 264 -12.08 -0.43 -3.61
C LEU A 264 -13.14 0.64 -3.88
N SER A 265 -12.74 1.95 -4.01
CA SER A 265 -13.70 3.00 -4.24
C SER A 265 -13.68 3.68 -5.54
N THR A 266 -12.75 3.32 -6.48
CA THR A 266 -12.49 3.76 -7.87
C THR A 266 -13.65 4.30 -8.62
N GLU A 267 -14.77 3.49 -8.73
CA GLU A 267 -15.86 3.97 -9.66
C GLU A 267 -16.92 4.79 -9.01
N VAL A 268 -16.71 5.17 -7.76
CA VAL A 268 -17.81 5.87 -7.03
C VAL A 268 -17.38 7.32 -6.81
N LEU A 269 -16.24 7.75 -7.35
CA LEU A 269 -15.72 9.06 -7.11
C LEU A 269 -16.28 10.13 -8.00
N SER A 270 -17.06 9.66 -9.02
CA SER A 270 -16.55 9.72 -10.42
C SER A 270 -17.39 10.68 -11.23
N ASN A 271 -16.88 11.73 -11.76
CA ASN A 271 -15.73 11.65 -12.64
C ASN A 271 -14.48 12.39 -12.02
N VAL A 272 -13.39 11.64 -11.86
CA VAL A 272 -12.21 12.29 -11.27
C VAL A 272 -11.39 13.09 -12.25
N LYS A 273 -11.39 12.79 -13.63
CA LYS A 273 -11.36 11.52 -14.36
C LYS A 273 -10.03 10.88 -14.71
N PHE A 274 -8.98 11.31 -13.96
CA PHE A 274 -7.61 10.74 -14.05
C PHE A 274 -7.59 9.34 -13.39
N ILE A 275 -8.40 9.14 -12.30
CA ILE A 275 -8.63 7.82 -11.63
C ILE A 275 -9.15 6.91 -12.67
N GLN A 276 -10.22 7.32 -13.40
CA GLN A 276 -10.77 6.44 -14.44
C GLN A 276 -9.79 6.13 -15.56
N GLU A 277 -8.66 6.89 -15.71
CA GLU A 277 -7.59 6.63 -16.68
C GLU A 277 -6.69 5.51 -16.25
N LYS A 278 -6.50 5.41 -14.92
CA LYS A 278 -5.74 4.43 -14.18
C LYS A 278 -6.55 3.12 -14.23
N LYS A 279 -7.86 3.23 -14.15
CA LYS A 279 -8.67 2.06 -14.44
C LYS A 279 -8.46 1.48 -15.76
N LEU A 280 -8.29 2.35 -16.81
CA LEU A 280 -8.21 1.98 -18.20
C LEU A 280 -6.74 1.50 -18.58
N ILE A 281 -5.78 1.79 -17.65
CA ILE A 281 -4.41 1.31 -17.75
C ILE A 281 -4.44 -0.14 -17.12
N GLY A 282 -5.45 -0.35 -16.21
CA GLY A 282 -5.90 -1.63 -15.68
C GLY A 282 -6.33 -2.49 -16.82
N ARG A 283 -7.31 -1.90 -17.62
CA ARG A 283 -7.85 -2.60 -18.75
C ARG A 283 -6.90 -2.95 -19.81
N TYR A 284 -5.94 -2.12 -20.26
CA TYR A 284 -4.81 -2.42 -21.06
C TYR A 284 -4.01 -3.52 -20.48
N PHE A 285 -3.48 -3.45 -19.23
CA PHE A 285 -2.84 -4.52 -18.55
C PHE A 285 -3.53 -5.85 -18.62
N ASP A 286 -4.85 -5.94 -18.32
CA ASP A 286 -5.54 -7.24 -18.34
C ASP A 286 -6.09 -7.64 -19.71
N GLU A 287 -5.57 -7.06 -20.77
CA GLU A 287 -5.61 -7.57 -22.10
C GLU A 287 -4.37 -8.39 -22.19
N ILE A 288 -3.24 -7.78 -21.80
CA ILE A 288 -1.93 -8.35 -21.80
C ILE A 288 -1.78 -9.54 -20.84
N SER A 289 -2.75 -9.71 -19.93
CA SER A 289 -2.83 -10.95 -19.21
C SER A 289 -3.38 -12.07 -19.98
N GLN A 290 -3.87 -11.92 -21.20
CA GLN A 290 -4.61 -12.99 -21.87
C GLN A 290 -3.95 -13.18 -23.22
N ASP A 291 -4.46 -14.17 -24.00
CA ASP A 291 -3.97 -14.67 -25.32
C ASP A 291 -4.78 -13.94 -26.47
N THR A 292 -5.66 -13.05 -26.13
CA THR A 292 -6.56 -12.52 -27.13
C THR A 292 -6.01 -11.52 -28.12
N GLY A 293 -4.83 -10.94 -27.76
CA GLY A 293 -3.92 -10.26 -28.68
C GLY A 293 -4.19 -8.93 -29.13
N LYS A 294 -5.20 -8.23 -28.58
CA LYS A 294 -5.53 -6.83 -28.97
C LYS A 294 -4.63 -5.77 -28.30
N TYR A 295 -3.53 -6.27 -27.84
CA TYR A 295 -2.58 -5.38 -27.16
C TYR A 295 -1.29 -5.23 -27.99
N CYS A 296 -0.68 -4.04 -27.82
CA CYS A 296 0.65 -3.74 -28.24
C CYS A 296 1.30 -2.79 -27.21
N PHE A 297 2.68 -2.81 -27.19
CA PHE A 297 3.49 -2.10 -26.24
C PHE A 297 4.80 -1.74 -26.86
N GLY A 298 5.39 -0.67 -26.32
CA GLY A 298 6.58 -0.07 -26.84
C GLY A 298 6.34 0.90 -27.97
N VAL A 299 7.38 1.33 -28.64
CA VAL A 299 7.18 2.14 -29.93
C VAL A 299 7.00 1.24 -31.07
N GLU A 300 7.97 0.33 -31.36
CA GLU A 300 8.00 -0.42 -32.61
C GLU A 300 6.76 -1.13 -33.14
N ASP A 301 6.31 -2.05 -32.23
CA ASP A 301 5.02 -2.88 -32.38
C ASP A 301 3.76 -2.01 -32.53
N THR A 302 3.57 -1.14 -31.51
CA THR A 302 2.55 -0.22 -31.41
C THR A 302 2.44 0.63 -32.61
N LEU A 303 3.55 1.08 -33.15
CA LEU A 303 3.55 1.95 -34.25
C LEU A 303 2.97 1.24 -35.54
N LYS A 304 3.68 0.18 -36.03
CA LYS A 304 3.28 -0.59 -37.24
C LYS A 304 1.86 -1.18 -37.09
N ALA A 305 1.46 -1.54 -35.82
CA ALA A 305 0.13 -1.94 -35.47
C ALA A 305 -0.90 -0.86 -35.64
N LEU A 306 -0.60 0.50 -35.45
CA LEU A 306 -1.51 1.57 -35.72
C LEU A 306 -1.51 1.82 -37.21
N GLU A 307 -0.35 1.60 -37.90
CA GLU A 307 -0.25 1.81 -39.33
C GLU A 307 -1.08 0.85 -40.22
N MET A 308 -1.30 -0.44 -39.74
CA MET A 308 -2.01 -1.49 -40.50
C MET A 308 -3.39 -1.87 -39.90
N GLY A 309 -3.85 -1.05 -38.94
CA GLY A 309 -5.23 -1.15 -38.54
C GLY A 309 -5.67 -0.03 -37.72
N ALA A 310 -6.58 -0.28 -36.69
CA ALA A 310 -7.15 0.85 -35.98
C ALA A 310 -7.10 0.48 -34.46
N VAL A 311 -6.64 1.38 -33.55
CA VAL A 311 -6.83 1.24 -32.03
C VAL A 311 -8.11 1.91 -31.48
N GLU A 312 -8.86 1.23 -30.54
CA GLU A 312 -10.00 1.85 -29.89
C GLU A 312 -9.52 3.02 -29.01
N ILE A 313 -8.52 2.70 -28.25
CA ILE A 313 -7.78 3.62 -27.42
C ILE A 313 -6.31 3.53 -27.72
N LEU A 314 -5.71 4.71 -27.93
CA LEU A 314 -4.29 4.99 -28.12
C LEU A 314 -3.82 5.68 -26.87
N ILE A 315 -2.88 5.00 -26.13
CA ILE A 315 -2.56 5.45 -24.75
C ILE A 315 -1.10 5.87 -24.72
N VAL A 316 -0.90 7.17 -24.50
CA VAL A 316 0.42 7.87 -24.45
C VAL A 316 0.62 8.59 -23.12
N TYR A 317 1.93 8.74 -22.72
CA TYR A 317 2.34 9.33 -21.53
C TYR A 317 2.76 10.77 -21.74
N GLU A 318 2.35 11.63 -20.77
CA GLU A 318 2.47 13.10 -20.88
C GLU A 318 3.83 13.62 -21.07
N ASN A 319 4.87 13.04 -20.45
CA ASN A 319 6.21 13.54 -20.68
C ASN A 319 7.09 12.42 -21.22
N LEU A 320 7.81 12.74 -22.31
CA LEU A 320 7.81 11.99 -23.55
C LEU A 320 8.64 12.72 -24.62
N ASP A 321 9.98 12.57 -24.56
CA ASP A 321 11.07 13.18 -25.40
C ASP A 321 11.35 12.39 -26.72
N ILE A 322 10.50 11.37 -26.89
CA ILE A 322 10.48 10.63 -28.08
C ILE A 322 9.70 11.39 -29.15
N MET A 323 10.15 11.43 -30.39
CA MET A 323 9.51 12.25 -31.40
C MET A 323 9.57 11.56 -32.73
N ARG A 324 8.64 11.95 -33.67
CA ARG A 324 8.60 11.48 -35.03
C ARG A 324 9.52 12.41 -35.85
N TYR A 325 10.59 11.88 -36.47
CA TYR A 325 11.50 12.58 -37.28
C TYR A 325 11.36 12.07 -38.70
N VAL A 326 11.59 12.87 -39.72
CA VAL A 326 11.67 12.39 -41.06
C VAL A 326 13.04 12.87 -41.65
N LEU A 327 13.84 11.84 -41.88
CA LEU A 327 15.20 11.84 -42.31
C LEU A 327 15.13 11.55 -43.79
N HIS A 328 15.85 12.25 -44.61
CA HIS A 328 16.03 11.87 -45.97
C HIS A 328 17.16 10.83 -45.97
N CYS A 329 17.47 10.20 -47.10
CA CYS A 329 18.53 9.22 -47.07
C CYS A 329 19.81 9.82 -47.60
N GLN A 330 20.96 9.38 -47.11
CA GLN A 330 22.27 9.88 -47.37
C GLN A 330 22.62 9.77 -48.90
N GLY A 331 22.06 8.77 -49.57
CA GLY A 331 22.27 8.46 -50.94
C GLY A 331 21.52 9.36 -51.92
N THR A 332 20.69 10.21 -51.37
CA THR A 332 19.64 11.02 -51.92
C THR A 332 18.52 10.33 -52.70
N GLU A 333 17.38 11.01 -52.69
CA GLU A 333 16.16 10.59 -53.37
C GLU A 333 15.50 9.29 -52.77
N GLU A 334 15.51 9.25 -51.42
CA GLU A 334 14.88 8.21 -50.68
C GLU A 334 14.79 8.76 -49.25
N GLU A 335 13.93 8.22 -48.44
CA GLU A 335 13.78 8.74 -47.10
C GLU A 335 13.36 7.68 -46.04
N LYS A 336 13.64 8.04 -44.75
CA LYS A 336 13.36 7.28 -43.55
C LYS A 336 12.58 7.99 -42.49
N ILE A 337 11.60 7.35 -41.78
CA ILE A 337 10.80 8.00 -40.78
C ILE A 337 11.14 7.14 -39.55
N LEU A 338 11.83 7.69 -38.59
CA LEU A 338 12.35 6.99 -37.44
C LEU A 338 11.96 7.67 -36.15
N TYR A 339 11.87 6.94 -35.03
CA TYR A 339 11.62 7.48 -33.68
C TYR A 339 12.96 7.58 -32.93
N LEU A 340 13.33 8.83 -32.43
CA LEU A 340 14.54 9.10 -31.66
C LEU A 340 14.20 9.79 -30.34
N THR A 341 15.19 9.75 -29.43
CA THR A 341 15.25 10.33 -28.12
C THR A 341 16.51 11.28 -28.03
N PRO A 342 16.63 12.23 -27.06
CA PRO A 342 17.62 13.26 -27.00
C PRO A 342 19.04 12.76 -27.25
N GLU A 343 19.38 11.64 -26.66
CA GLU A 343 20.73 11.01 -26.85
C GLU A 343 21.08 10.72 -28.32
N GLN A 344 20.15 10.02 -29.06
CA GLN A 344 20.39 9.62 -30.43
C GLN A 344 20.51 10.91 -31.29
N GLU A 345 19.65 11.87 -31.04
CA GLU A 345 19.49 13.08 -31.74
C GLU A 345 20.78 13.96 -31.72
N LYS A 346 21.56 13.99 -30.64
CA LYS A 346 22.81 14.71 -30.49
C LYS A 346 23.84 14.26 -31.48
N ASP A 347 23.85 13.00 -31.91
CA ASP A 347 24.76 12.46 -32.98
C ASP A 347 24.22 12.90 -34.29
N LYS A 348 24.22 14.24 -34.60
CA LYS A 348 23.50 14.77 -35.76
C LYS A 348 23.88 14.14 -37.09
N SER A 349 25.11 13.60 -37.12
CA SER A 349 25.52 12.84 -38.28
C SER A 349 24.89 11.51 -38.63
N HIS A 350 24.23 10.85 -37.65
CA HIS A 350 23.66 9.54 -37.86
C HIS A 350 22.21 9.45 -37.42
N PHE A 351 22.00 10.29 -36.35
CA PHE A 351 20.72 10.63 -35.84
C PHE A 351 20.02 9.40 -35.40
N THR A 352 20.81 8.56 -34.72
CA THR A 352 20.37 7.16 -34.52
C THR A 352 21.02 6.71 -33.29
N ASP A 353 20.77 5.51 -32.80
CA ASP A 353 21.56 4.92 -31.77
C ASP A 353 22.98 4.54 -32.19
N LYS A 354 24.00 4.75 -31.26
CA LYS A 354 25.40 4.40 -31.47
C LYS A 354 25.69 2.98 -31.94
N GLU A 355 24.89 1.94 -31.49
CA GLU A 355 25.15 0.55 -31.89
C GLU A 355 24.88 0.31 -33.35
N THR A 356 23.78 0.87 -33.94
CA THR A 356 23.49 0.83 -35.39
C THR A 356 24.41 1.79 -36.15
N GLY A 357 24.44 3.17 -35.88
CA GLY A 357 25.33 4.07 -36.49
C GLY A 357 24.96 4.49 -37.89
N GLN A 358 23.82 4.14 -38.42
CA GLN A 358 23.37 4.49 -39.77
C GLN A 358 23.33 5.97 -40.06
N GLU A 359 23.81 6.47 -41.21
CA GLU A 359 23.83 7.85 -41.66
C GLU A 359 22.40 8.41 -42.01
N HIS A 360 22.11 9.70 -41.67
CA HIS A 360 20.76 10.41 -42.05
C HIS A 360 20.97 11.95 -42.13
N GLU A 361 19.93 12.56 -42.79
CA GLU A 361 19.80 13.99 -42.95
C GLU A 361 18.33 14.45 -42.72
N LEU A 362 18.11 14.90 -41.47
CA LEU A 362 16.80 15.41 -40.91
C LEU A 362 16.30 16.58 -41.63
N ILE A 363 14.97 16.53 -41.91
CA ILE A 363 14.26 17.64 -42.61
C ILE A 363 13.18 18.20 -41.69
N GLU A 364 12.36 17.33 -41.01
CA GLU A 364 11.33 17.86 -40.03
C GLU A 364 11.14 17.01 -38.74
N SER A 365 10.63 17.54 -37.64
CA SER A 365 10.44 16.80 -36.39
C SER A 365 9.24 17.19 -35.59
N MET A 366 8.28 16.29 -35.47
CA MET A 366 7.02 16.48 -34.74
C MET A 366 7.15 15.62 -33.40
N PRO A 367 7.22 16.17 -32.17
CA PRO A 367 6.85 15.40 -30.98
C PRO A 367 5.81 14.26 -31.06
N LEU A 368 6.16 13.04 -30.58
CA LEU A 368 5.38 11.78 -30.82
C LEU A 368 3.94 11.89 -30.29
N LEU A 369 3.65 12.43 -29.11
CA LEU A 369 2.31 12.76 -28.64
C LEU A 369 1.57 13.83 -29.57
N GLU A 370 2.17 14.95 -30.01
CA GLU A 370 1.68 15.91 -30.91
C GLU A 370 1.32 15.28 -32.30
N TRP A 371 2.11 14.31 -32.77
CA TRP A 371 1.88 13.63 -34.05
C TRP A 371 0.62 12.80 -33.97
N PHE A 372 0.49 11.99 -32.92
CA PHE A 372 -0.69 11.23 -32.47
C PHE A 372 -1.96 12.03 -32.25
N ALA A 373 -1.91 13.22 -31.59
CA ALA A 373 -3.04 14.07 -31.32
C ALA A 373 -3.71 14.46 -32.65
N ASN A 374 -2.86 14.76 -33.62
CA ASN A 374 -3.21 15.21 -34.96
C ASN A 374 -3.59 14.11 -35.93
N ASN A 375 -3.65 12.87 -35.52
CA ASN A 375 -4.15 11.85 -36.44
C ASN A 375 -4.98 10.72 -35.74
N TYR A 376 -5.11 10.67 -34.31
CA TYR A 376 -5.77 9.57 -33.64
C TYR A 376 -7.14 9.19 -34.22
N LYS A 377 -7.89 10.16 -34.79
CA LYS A 377 -9.20 9.90 -35.36
C LYS A 377 -9.21 9.32 -36.72
N LYS A 378 -8.08 9.20 -37.44
CA LYS A 378 -7.89 8.66 -38.75
C LYS A 378 -7.24 7.34 -38.61
N PHE A 379 -6.76 7.02 -37.37
CA PHE A 379 -6.04 5.78 -37.02
C PHE A 379 -6.73 4.99 -35.88
N GLY A 380 -7.94 5.48 -35.34
CA GLY A 380 -8.59 4.79 -34.28
C GLY A 380 -9.72 5.64 -33.73
N ALA A 381 -10.24 5.34 -32.48
CA ALA A 381 -11.33 6.13 -31.92
C ALA A 381 -10.94 7.23 -30.99
N THR A 382 -10.18 6.88 -30.01
CA THR A 382 -10.11 7.59 -28.76
C THR A 382 -8.70 7.71 -28.35
N LEU A 383 -8.26 8.86 -27.79
CA LEU A 383 -6.92 8.95 -27.29
C LEU A 383 -7.00 9.31 -25.84
N GLU A 384 -6.04 8.66 -25.12
CA GLU A 384 -5.69 8.99 -23.74
C GLU A 384 -4.33 9.46 -23.50
N ILE A 385 -4.29 10.66 -22.93
CA ILE A 385 -3.04 11.32 -22.47
C ILE A 385 -3.00 10.94 -21.00
N VAL A 386 -1.92 10.44 -20.42
CA VAL A 386 -1.87 9.77 -19.11
C VAL A 386 -0.74 10.21 -18.29
N THR A 387 -1.02 10.14 -16.95
CA THR A 387 -0.21 10.54 -15.78
C THR A 387 0.61 9.35 -15.30
N ASP A 388 1.67 9.55 -14.45
CA ASP A 388 2.43 8.44 -13.80
C ASP A 388 2.19 8.22 -12.34
N LYS A 389 1.30 9.07 -11.69
CA LYS A 389 1.24 9.11 -10.23
C LYS A 389 0.56 8.00 -9.49
N SER A 390 -0.20 7.19 -10.16
CA SER A 390 -0.82 6.01 -9.68
C SER A 390 -0.02 4.76 -9.99
N GLN A 391 -0.26 3.63 -9.27
CA GLN A 391 0.45 2.39 -9.36
C GLN A 391 0.25 1.79 -10.76
N GLU A 392 -0.77 2.17 -11.55
CA GLU A 392 -0.97 1.70 -12.89
C GLU A 392 -0.25 2.57 -13.85
N GLY A 393 -0.34 3.91 -13.69
CA GLY A 393 0.47 4.90 -14.27
C GLY A 393 2.02 4.68 -14.22
N SER A 394 2.62 4.49 -12.97
CA SER A 394 3.91 4.02 -12.61
C SER A 394 4.30 2.83 -13.50
N GLN A 395 3.49 1.86 -13.69
CA GLN A 395 3.83 0.71 -14.35
C GLN A 395 3.85 0.94 -15.82
N PHE A 396 2.89 1.69 -16.34
CA PHE A 396 2.88 1.96 -17.75
C PHE A 396 4.16 2.54 -18.34
N VAL A 397 4.68 3.60 -17.55
CA VAL A 397 5.84 4.36 -17.94
C VAL A 397 7.09 3.51 -17.73
N LYS A 398 7.25 2.78 -16.63
CA LYS A 398 8.40 2.00 -16.22
C LYS A 398 8.62 0.74 -17.04
N GLY A 399 7.56 -0.01 -17.43
CA GLY A 399 7.69 -1.37 -18.01
C GLY A 399 6.97 -1.57 -19.26
N PHE A 400 6.36 -0.49 -19.84
CA PHE A 400 5.88 -0.46 -21.23
C PHE A 400 6.47 0.68 -22.06
N GLY A 401 6.81 1.73 -21.31
CA GLY A 401 7.54 2.81 -21.82
C GLY A 401 6.61 4.03 -22.01
N GLY A 402 5.36 4.00 -21.46
CA GLY A 402 4.41 5.10 -21.51
C GLY A 402 3.88 5.18 -22.92
N ILE A 403 3.84 4.08 -23.65
CA ILE A 403 3.28 3.99 -25.01
C ILE A 403 2.76 2.55 -25.26
N GLY A 404 1.47 2.44 -25.62
CA GLY A 404 0.91 1.22 -26.01
C GLY A 404 -0.51 1.46 -26.51
N GLY A 405 -1.30 0.45 -26.80
CA GLY A 405 -2.67 0.67 -27.36
C GLY A 405 -3.57 -0.52 -27.11
N ILE A 406 -4.89 -0.34 -26.91
CA ILE A 406 -5.92 -1.33 -27.03
C ILE A 406 -6.57 -1.28 -28.38
N LEU A 407 -6.15 -2.11 -29.32
CA LEU A 407 -6.48 -2.34 -30.69
C LEU A 407 -7.92 -2.78 -30.93
N ARG A 408 -8.23 -2.86 -32.24
CA ARG A 408 -9.55 -3.31 -32.62
C ARG A 408 -9.39 -4.65 -33.27
N TYR A 409 -8.25 -5.34 -33.26
CA TYR A 409 -8.06 -6.68 -33.79
C TYR A 409 -6.91 -7.56 -33.02
N ARG A 410 -6.77 -8.85 -33.32
CA ARG A 410 -5.65 -9.75 -32.95
C ARG A 410 -4.39 -9.49 -33.61
N VAL A 411 -3.41 -8.89 -32.90
CA VAL A 411 -2.07 -8.52 -33.46
C VAL A 411 -1.00 -9.56 -33.08
N ASP A 412 0.23 -9.43 -33.60
CA ASP A 412 1.30 -10.37 -33.17
C ASP A 412 2.51 -9.56 -33.14
N PHE A 413 3.46 -9.99 -32.25
CA PHE A 413 4.58 -9.18 -31.87
C PHE A 413 5.82 -9.95 -31.47
N GLN A 414 6.89 -9.13 -31.43
CA GLN A 414 8.28 -9.45 -31.20
C GLN A 414 8.69 -9.53 -29.69
N ALA B 1 18.27 -26.42 37.87
CA ALA B 1 17.44 -27.66 38.02
C ALA B 1 16.19 -27.67 37.04
N PRO B 2 15.60 -28.78 36.74
CA PRO B 2 14.55 -28.94 35.69
C PRO B 2 13.72 -27.69 35.18
N LYS B 3 13.83 -27.35 33.95
CA LYS B 3 13.03 -26.35 33.27
C LYS B 3 12.01 -27.00 32.33
N LYS B 4 10.66 -26.66 32.39
CA LYS B 4 9.60 -26.89 31.43
C LYS B 4 9.79 -25.96 30.25
N GLU B 5 9.62 -26.51 29.10
CA GLU B 5 9.92 -25.60 27.96
C GLU B 5 8.95 -24.46 27.70
N HIS B 6 9.40 -23.23 27.33
CA HIS B 6 8.58 -21.99 27.11
C HIS B 6 8.44 -21.87 25.61
N VAL B 7 7.27 -22.27 25.10
CA VAL B 7 6.91 -21.94 23.76
C VAL B 7 5.47 -21.53 23.62
N ASN B 8 5.06 -20.77 22.65
CA ASN B 8 3.62 -20.43 22.56
C ASN B 8 3.06 -21.44 21.61
N VAL B 9 1.73 -21.49 21.59
CA VAL B 9 0.88 -22.28 20.71
C VAL B 9 -0.16 -21.25 20.16
N VAL B 10 -0.54 -21.38 18.91
CA VAL B 10 -1.42 -20.45 18.25
C VAL B 10 -2.60 -21.10 17.61
N PHE B 11 -3.71 -20.41 17.62
CA PHE B 11 -4.92 -20.99 17.10
C PHE B 11 -5.22 -20.16 15.86
N ILE B 12 -5.11 -20.76 14.65
CA ILE B 12 -5.61 -20.22 13.37
C ILE B 12 -6.79 -20.98 12.82
N GLY B 13 -7.88 -20.33 12.39
CA GLY B 13 -9.16 -21.05 12.24
C GLY B 13 -10.07 -20.36 11.34
N HIS B 14 -11.25 -20.95 10.93
CA HIS B 14 -12.36 -20.30 10.25
C HIS B 14 -12.86 -19.23 11.17
N VAL B 15 -13.51 -18.21 10.67
CA VAL B 15 -14.05 -17.06 11.43
C VAL B 15 -15.01 -17.39 12.65
N ASP B 16 -15.79 -18.36 12.43
CA ASP B 16 -16.71 -18.89 13.35
C ASP B 16 -16.21 -20.22 13.96
N ALA B 17 -14.90 -20.63 13.82
CA ALA B 17 -14.43 -21.92 14.26
C ALA B 17 -14.30 -22.27 15.71
N GLY B 18 -14.59 -21.30 16.58
CA GLY B 18 -14.60 -21.62 18.06
C GLY B 18 -13.22 -21.74 18.60
N LYS B 19 -12.26 -20.82 18.13
CA LYS B 19 -10.91 -20.54 18.58
C LYS B 19 -10.80 -20.06 20.08
N SER B 20 -11.85 -19.41 20.57
CA SER B 20 -12.00 -18.94 21.92
C SER B 20 -12.52 -20.13 22.72
N THR B 21 -13.50 -20.89 22.24
CA THR B 21 -14.13 -21.92 23.06
C THR B 21 -13.22 -23.04 23.54
N ILE B 22 -12.34 -23.48 22.58
CA ILE B 22 -11.26 -24.41 22.80
C ILE B 22 -10.26 -23.86 23.74
N GLY B 23 -9.92 -22.54 23.61
CA GLY B 23 -9.12 -21.77 24.59
C GLY B 23 -9.65 -21.88 26.02
N GLY B 24 -10.81 -21.32 26.34
CA GLY B 24 -11.54 -21.61 27.59
C GLY B 24 -11.56 -23.02 28.24
N GLN B 25 -11.60 -24.08 27.40
CA GLN B 25 -11.52 -25.45 27.93
C GLN B 25 -10.14 -25.72 28.46
N ILE B 26 -9.11 -25.20 27.73
CA ILE B 26 -7.84 -25.97 27.79
C ILE B 26 -7.05 -25.60 29.00
N MET B 27 -7.43 -24.42 29.58
CA MET B 27 -7.01 -23.78 30.83
C MET B 27 -7.72 -24.30 32.01
N TYR B 28 -9.04 -24.63 31.81
CA TYR B 28 -9.94 -25.11 32.84
C TYR B 28 -9.57 -26.58 33.21
N LEU B 29 -9.47 -27.36 32.13
CA LEU B 29 -8.99 -28.72 32.14
C LEU B 29 -7.52 -28.83 32.61
N THR B 30 -6.65 -27.84 32.62
CA THR B 30 -5.29 -27.84 33.22
C THR B 30 -5.22 -26.93 34.47
N GLY B 31 -6.39 -26.47 34.94
CA GLY B 31 -6.66 -25.84 36.24
C GLY B 31 -6.25 -24.43 36.50
N MET B 32 -5.76 -23.76 35.44
CA MET B 32 -5.17 -22.48 35.36
C MET B 32 -6.09 -21.34 35.68
N VAL B 33 -7.38 -21.64 35.59
CA VAL B 33 -8.53 -20.79 35.87
C VAL B 33 -9.46 -21.57 36.81
N ASP B 34 -9.91 -20.77 37.81
CA ASP B 34 -10.58 -21.38 38.95
C ASP B 34 -12.05 -21.66 38.70
N LYS B 35 -12.65 -22.53 39.51
CA LYS B 35 -14.05 -22.88 39.40
C LYS B 35 -15.00 -21.66 39.57
N ARG B 36 -14.51 -20.75 40.45
CA ARG B 36 -15.16 -19.53 40.78
C ARG B 36 -15.26 -18.69 39.51
N THR B 37 -14.18 -18.72 38.69
CA THR B 37 -13.98 -17.92 37.52
C THR B 37 -14.92 -18.38 36.48
N LEU B 38 -15.07 -19.75 36.34
CA LEU B 38 -16.04 -20.35 35.33
C LEU B 38 -17.53 -20.02 35.63
N GLU B 39 -17.82 -19.98 36.99
CA GLU B 39 -19.15 -19.57 37.58
C GLU B 39 -19.45 -18.09 37.24
N LYS B 40 -18.40 -17.25 37.46
CA LYS B 40 -18.49 -15.80 37.08
C LYS B 40 -18.62 -15.55 35.63
N TYR B 41 -17.89 -16.28 34.75
CA TYR B 41 -18.08 -16.28 33.31
C TYR B 41 -19.41 -16.78 32.78
N GLU B 42 -19.91 -17.79 33.40
CA GLU B 42 -21.24 -18.22 33.21
C GLU B 42 -22.27 -17.10 33.48
N ARG B 43 -22.07 -16.37 34.62
CA ARG B 43 -23.06 -15.40 35.10
C ARG B 43 -23.07 -14.13 34.31
N GLU B 44 -21.88 -13.59 33.96
CA GLU B 44 -21.77 -12.31 33.32
C GLU B 44 -22.28 -12.42 31.89
N ALA B 45 -22.07 -13.59 31.26
CA ALA B 45 -22.50 -13.91 29.91
C ALA B 45 -23.93 -14.11 29.86
N LYS B 46 -24.53 -14.76 30.88
CA LYS B 46 -25.99 -14.99 30.92
C LYS B 46 -26.77 -13.71 31.12
N GLU B 47 -26.29 -12.79 32.00
CA GLU B 47 -26.97 -11.58 32.44
C GLU B 47 -27.13 -10.48 31.43
N LYS B 48 -26.30 -10.60 30.37
CA LYS B 48 -26.35 -9.79 29.23
C LYS B 48 -26.93 -10.57 28.02
N ASN B 49 -27.58 -11.69 28.24
CA ASN B 49 -28.15 -12.61 27.27
C ASN B 49 -27.23 -13.29 26.18
N ARG B 50 -26.12 -13.83 26.64
CA ARG B 50 -25.05 -14.47 25.79
C ARG B 50 -24.64 -15.79 26.28
N GLU B 51 -25.55 -16.78 26.50
CA GLU B 51 -25.35 -18.13 27.03
C GLU B 51 -24.27 -18.97 26.38
N THR B 52 -24.26 -19.17 25.01
CA THR B 52 -23.39 -20.09 24.34
C THR B 52 -21.92 -19.63 24.16
N TRP B 53 -21.52 -18.54 24.85
CA TRP B 53 -20.20 -17.95 24.87
C TRP B 53 -19.56 -18.06 26.25
N TYR B 54 -20.03 -18.98 27.10
CA TYR B 54 -19.47 -19.04 28.46
C TYR B 54 -17.96 -19.32 28.52
N LEU B 55 -17.54 -20.29 27.70
CA LEU B 55 -16.14 -20.67 27.51
C LEU B 55 -15.41 -19.72 26.68
N SER B 56 -16.07 -19.26 25.59
CA SER B 56 -15.50 -18.30 24.64
C SER B 56 -15.09 -16.97 25.36
N TRP B 57 -15.91 -16.55 26.38
CA TRP B 57 -15.59 -15.36 27.06
C TRP B 57 -14.28 -15.33 27.88
N ALA B 58 -13.74 -16.53 28.11
CA ALA B 58 -12.38 -16.66 28.56
C ALA B 58 -11.35 -16.10 27.65
N LEU B 59 -11.55 -16.11 26.27
CA LEU B 59 -10.49 -15.55 25.40
C LEU B 59 -10.98 -14.27 24.71
N ASP B 60 -12.32 -14.15 24.42
CA ASP B 60 -12.90 -13.05 23.71
C ASP B 60 -13.01 -11.98 24.82
N THR B 61 -12.37 -10.87 24.63
CA THR B 61 -12.17 -10.00 25.79
C THR B 61 -12.89 -8.68 25.70
N ASN B 62 -12.80 -8.07 24.54
CA ASN B 62 -13.39 -6.80 24.17
C ASN B 62 -14.93 -6.99 23.90
N GLN B 63 -15.66 -5.85 23.88
CA GLN B 63 -17.09 -5.87 23.77
C GLN B 63 -17.66 -6.45 22.52
N GLU B 64 -17.08 -6.06 21.39
CA GLU B 64 -17.54 -6.53 20.12
C GLU B 64 -17.16 -8.02 19.99
N GLU B 65 -16.01 -8.43 20.51
CA GLU B 65 -15.62 -9.80 20.51
C GLU B 65 -16.53 -10.77 21.32
N ARG B 66 -16.95 -10.30 22.54
CA ARG B 66 -17.80 -11.02 23.46
C ARG B 66 -19.19 -11.18 22.91
N ASP B 67 -19.59 -10.08 22.23
CA ASP B 67 -20.92 -9.96 21.63
C ASP B 67 -21.14 -10.93 20.50
N LYS B 68 -20.11 -11.03 19.63
CA LYS B 68 -20.21 -11.89 18.47
C LYS B 68 -19.67 -13.28 18.65
N GLY B 69 -18.82 -13.55 19.63
CA GLY B 69 -18.25 -14.82 19.90
C GLY B 69 -17.06 -15.07 19.12
N LYS B 70 -16.21 -14.14 18.76
CA LYS B 70 -14.91 -14.36 18.18
C LYS B 70 -14.12 -13.00 18.27
N THR B 71 -12.87 -13.00 18.73
CA THR B 71 -11.85 -11.98 18.78
C THR B 71 -11.64 -10.97 17.62
N VAL B 72 -11.01 -9.72 17.92
CA VAL B 72 -10.65 -8.66 16.91
C VAL B 72 -9.33 -8.06 17.18
N GLU B 73 -8.98 -7.99 18.49
CA GLU B 73 -7.60 -7.73 18.96
C GLU B 73 -6.97 -9.14 19.35
N VAL B 74 -5.62 -9.36 19.26
CA VAL B 74 -4.96 -10.58 19.59
C VAL B 74 -5.05 -10.84 21.09
N GLY B 75 -5.30 -12.16 21.50
CA GLY B 75 -5.42 -12.47 22.91
C GLY B 75 -4.46 -13.56 23.25
N ARG B 76 -3.92 -13.34 24.44
CA ARG B 76 -2.88 -14.17 25.10
C ARG B 76 -3.26 -14.72 26.41
N ALA B 77 -3.08 -16.01 26.60
CA ALA B 77 -3.46 -16.68 27.81
C ALA B 77 -2.44 -17.75 28.12
N TYR B 78 -2.14 -18.03 29.39
CA TYR B 78 -1.11 -18.87 29.84
C TYR B 78 -1.75 -20.25 30.36
N PHE B 79 -1.25 -21.44 29.95
CA PHE B 79 -1.58 -22.70 30.61
C PHE B 79 -0.35 -23.60 30.69
N GLU B 80 -0.39 -24.55 31.66
CA GLU B 80 0.75 -25.32 31.85
C GLU B 80 0.36 -26.82 31.82
N THR B 81 1.01 -27.63 30.94
CA THR B 81 0.97 -29.12 30.74
C THR B 81 2.12 -29.74 31.58
N GLU B 82 2.49 -31.09 31.35
CA GLU B 82 3.39 -31.77 32.28
C GLU B 82 4.89 -31.47 31.94
N LYS B 83 5.19 -31.15 30.65
CA LYS B 83 6.54 -30.97 30.14
C LYS B 83 6.81 -29.51 29.84
N LYS B 84 5.73 -28.69 29.58
CA LYS B 84 5.90 -27.34 29.03
C LYS B 84 5.10 -26.29 29.85
N HIS B 85 5.42 -24.98 29.58
CA HIS B 85 4.69 -23.76 29.94
C HIS B 85 4.18 -23.20 28.60
N PHE B 86 2.92 -22.93 28.34
CA PHE B 86 2.41 -22.36 27.05
C PHE B 86 1.82 -20.97 27.33
N THR B 87 1.98 -20.01 26.42
CA THR B 87 1.12 -18.94 26.15
C THR B 87 0.40 -19.29 24.82
N ILE B 88 -1.00 -19.41 24.89
CA ILE B 88 -1.82 -19.69 23.80
C ILE B 88 -2.40 -18.39 23.25
N LEU B 89 -2.44 -18.28 21.88
CA LEU B 89 -2.69 -17.08 21.06
C LEU B 89 -3.94 -17.31 20.25
N ASP B 90 -5.00 -16.61 20.61
CA ASP B 90 -6.27 -16.55 19.84
C ASP B 90 -5.99 -15.50 18.75
N ALA B 91 -6.11 -15.89 17.46
CA ALA B 91 -5.95 -14.94 16.40
C ALA B 91 -7.21 -14.53 15.77
N PRO B 92 -7.60 -13.25 15.79
CA PRO B 92 -8.88 -12.66 15.38
C PRO B 92 -9.85 -13.51 14.52
N GLY B 93 -11.10 -13.53 14.87
CA GLY B 93 -12.12 -14.19 14.07
C GLY B 93 -12.74 -13.26 13.08
N HIS B 94 -12.23 -12.07 13.05
CA HIS B 94 -12.64 -11.12 12.06
C HIS B 94 -11.38 -10.84 11.15
N LYS B 95 -11.71 -10.45 9.88
CA LYS B 95 -10.76 -10.39 8.84
C LYS B 95 -10.22 -9.02 8.46
N SER B 96 -10.70 -7.92 9.12
CA SER B 96 -10.21 -6.56 8.88
C SER B 96 -9.02 -6.19 9.77
N PHE B 97 -8.60 -7.15 10.58
CA PHE B 97 -7.75 -7.00 11.75
C PHE B 97 -6.45 -7.73 11.56
N VAL B 98 -5.91 -7.81 10.32
CA VAL B 98 -4.74 -8.53 10.01
C VAL B 98 -3.53 -8.15 10.80
N PRO B 99 -3.23 -6.96 11.28
CA PRO B 99 -2.17 -6.69 12.18
C PRO B 99 -2.19 -7.42 13.49
N ASN B 100 -3.35 -7.82 14.03
CA ASN B 100 -3.39 -8.60 15.29
C ASN B 100 -3.07 -10.08 14.90
N MET B 101 -3.61 -10.58 13.80
CA MET B 101 -3.37 -11.91 13.18
C MET B 101 -1.84 -12.09 12.80
N ILE B 102 -1.06 -11.14 12.29
CA ILE B 102 0.34 -11.39 12.01
C ILE B 102 1.18 -11.54 13.23
N GLY B 103 0.91 -10.68 14.23
CA GLY B 103 1.57 -10.84 15.57
C GLY B 103 1.27 -12.14 16.29
N GLY B 104 0.05 -12.70 16.11
CA GLY B 104 -0.33 -14.02 16.59
C GLY B 104 0.42 -15.06 15.82
N ALA B 105 0.51 -14.94 14.46
CA ALA B 105 1.27 -15.91 13.64
C ALA B 105 2.76 -15.95 13.96
N SER B 106 3.33 -14.75 14.25
CA SER B 106 4.75 -14.55 14.50
C SER B 106 5.26 -15.19 15.73
N GLN B 107 4.38 -15.48 16.70
CA GLN B 107 4.90 -15.97 17.99
C GLN B 107 4.82 -17.46 18.09
N ALA B 108 4.42 -18.06 16.97
CA ALA B 108 4.10 -19.48 16.93
C ALA B 108 5.19 -20.48 17.22
N ASP B 109 6.23 -20.63 16.38
CA ASP B 109 6.76 -21.97 16.04
C ASP B 109 5.68 -23.00 15.60
N LEU B 110 4.69 -23.37 16.54
CA LEU B 110 3.66 -24.32 16.37
C LEU B 110 2.28 -23.55 16.15
N ALA B 111 1.63 -23.97 15.03
CA ALA B 111 0.32 -23.45 14.71
C ALA B 111 -0.67 -24.62 14.64
N VAL B 112 -1.80 -24.39 15.29
CA VAL B 112 -2.98 -25.31 15.35
C VAL B 112 -4.04 -24.62 14.47
N LEU B 113 -4.31 -25.33 13.34
CA LEU B 113 -5.30 -24.98 12.33
C LEU B 113 -6.56 -25.66 12.79
N VAL B 114 -7.54 -24.89 13.22
CA VAL B 114 -8.85 -25.28 13.76
C VAL B 114 -9.92 -25.11 12.66
N ILE B 115 -10.53 -26.18 12.31
CA ILE B 115 -11.47 -26.16 11.25
C ILE B 115 -12.80 -26.62 11.92
N SER B 116 -13.90 -25.86 11.65
CA SER B 116 -15.23 -26.24 12.09
C SER B 116 -15.80 -27.23 11.02
N ALA B 117 -16.47 -28.32 11.47
CA ALA B 117 -17.11 -29.30 10.60
C ALA B 117 -18.60 -29.06 10.28
N ARG B 118 -19.35 -28.21 11.09
CA ARG B 118 -20.69 -27.75 10.85
C ARG B 118 -21.05 -27.42 9.49
N LYS B 119 -22.22 -27.90 8.93
CA LYS B 119 -22.64 -27.54 7.58
C LYS B 119 -22.83 -26.06 7.44
N GLY B 120 -22.26 -25.40 6.37
CA GLY B 120 -22.26 -23.93 6.24
C GLY B 120 -20.91 -23.43 6.72
N GLU B 121 -20.53 -23.74 7.96
CA GLU B 121 -19.33 -23.14 8.49
C GLU B 121 -18.02 -23.79 7.79
N PHE B 122 -18.01 -25.13 7.58
CA PHE B 122 -16.91 -25.83 6.94
C PHE B 122 -16.60 -25.38 5.53
N GLU B 123 -17.58 -25.49 4.61
CA GLU B 123 -17.43 -25.16 3.23
C GLU B 123 -17.02 -23.75 2.93
N THR B 124 -17.55 -22.85 3.65
CA THR B 124 -17.33 -21.40 3.51
C THR B 124 -15.80 -21.01 3.84
N GLY B 125 -15.20 -21.71 4.83
CA GLY B 125 -13.82 -21.54 5.27
C GLY B 125 -12.83 -21.75 4.09
N PHE B 126 -13.12 -22.64 3.07
CA PHE B 126 -12.17 -22.89 2.00
C PHE B 126 -12.39 -22.00 0.76
N GLU B 127 -13.25 -20.96 0.86
CA GLU B 127 -13.44 -20.07 -0.24
C GLU B 127 -12.36 -18.92 -0.05
N LYS B 128 -12.30 -18.05 -1.07
CA LYS B 128 -11.41 -16.98 -1.10
C LYS B 128 -11.68 -16.04 -0.01
N GLY B 129 -12.98 -15.81 0.29
CA GLY B 129 -13.53 -14.99 1.34
C GLY B 129 -13.32 -15.52 2.67
N GLY B 130 -12.94 -16.82 2.93
CA GLY B 130 -12.75 -17.38 4.28
C GLY B 130 -11.49 -16.89 4.96
N GLN B 131 -11.12 -17.49 6.14
CA GLN B 131 -9.93 -16.99 6.80
C GLN B 131 -8.80 -17.98 6.76
N THR B 132 -9.04 -19.21 6.31
CA THR B 132 -8.15 -20.30 6.17
C THR B 132 -6.92 -19.99 5.24
N ARG B 133 -7.15 -19.27 4.14
CA ARG B 133 -6.11 -18.82 3.24
C ARG B 133 -5.13 -17.83 3.92
N GLU B 134 -5.73 -16.81 4.49
CA GLU B 134 -4.99 -15.76 5.12
C GLU B 134 -4.16 -16.21 6.32
N HIS B 135 -4.71 -17.18 7.00
CA HIS B 135 -4.06 -17.94 8.06
C HIS B 135 -2.98 -18.92 7.67
N ALA B 136 -3.11 -19.67 6.55
CA ALA B 136 -2.07 -20.51 6.09
C ALA B 136 -0.93 -19.72 5.45
N MET B 137 -1.17 -18.60 4.71
CA MET B 137 -0.06 -17.82 4.10
C MET B 137 0.81 -17.16 5.21
N LEU B 138 0.15 -16.74 6.33
CA LEU B 138 0.77 -16.27 7.59
C LEU B 138 1.55 -17.34 8.43
N ALA B 139 0.98 -18.54 8.65
CA ALA B 139 1.76 -19.59 9.33
C ALA B 139 3.05 -19.96 8.54
N LYS B 140 2.92 -20.10 7.19
CA LYS B 140 4.10 -20.45 6.39
C LYS B 140 5.12 -19.30 6.44
N THR B 141 4.56 -18.06 6.43
CA THR B 141 5.36 -16.86 6.45
C THR B 141 6.13 -16.69 7.86
N ALA B 142 5.49 -17.23 8.95
CA ALA B 142 6.04 -17.21 10.31
C ALA B 142 6.97 -18.42 10.62
N GLY B 143 7.24 -19.35 9.70
CA GLY B 143 8.11 -20.46 10.06
C GLY B 143 7.51 -21.71 10.45
N VAL B 144 6.18 -21.82 10.31
CA VAL B 144 5.54 -23.06 10.74
C VAL B 144 5.86 -24.25 9.90
N LYS B 145 6.13 -25.47 10.44
CA LYS B 145 6.52 -26.63 9.72
C LYS B 145 5.78 -27.85 10.20
N HIS B 146 5.16 -27.91 11.38
CA HIS B 146 4.28 -29.02 11.70
C HIS B 146 2.87 -28.54 11.90
N LEU B 147 1.99 -28.83 10.94
CA LEU B 147 0.61 -28.31 11.11
C LEU B 147 -0.32 -29.22 11.92
N ILE B 148 -0.98 -28.76 13.04
CA ILE B 148 -1.92 -29.57 13.81
C ILE B 148 -3.27 -29.15 13.23
N VAL B 149 -4.05 -30.10 12.73
CA VAL B 149 -5.35 -29.75 12.10
C VAL B 149 -6.35 -30.36 13.07
N LEU B 150 -7.16 -29.43 13.72
CA LEU B 150 -8.12 -29.82 14.76
C LEU B 150 -9.48 -29.62 14.20
N ILE B 151 -10.26 -30.67 13.96
CA ILE B 151 -11.61 -30.60 13.44
C ILE B 151 -12.59 -30.45 14.59
N ASN B 152 -13.10 -29.20 14.81
CA ASN B 152 -13.98 -28.68 15.85
C ASN B 152 -15.37 -28.85 15.47
N LYS B 153 -16.30 -28.66 16.36
CA LYS B 153 -17.75 -28.62 16.26
C LYS B 153 -18.29 -29.94 15.72
N MET B 154 -17.80 -31.08 16.29
CA MET B 154 -17.99 -32.50 15.80
C MET B 154 -19.01 -33.34 16.51
N ASP B 155 -19.64 -32.83 17.60
CA ASP B 155 -20.60 -33.55 18.39
C ASP B 155 -21.96 -32.89 18.26
N ASP B 156 -22.04 -31.88 17.35
CA ASP B 156 -23.12 -30.96 16.98
C ASP B 156 -24.30 -31.62 16.25
N PRO B 157 -25.49 -31.05 16.17
CA PRO B 157 -26.62 -31.42 15.34
C PRO B 157 -26.24 -31.97 14.01
N THR B 158 -25.57 -31.21 13.16
CA THR B 158 -25.31 -31.73 11.82
C THR B 158 -24.07 -32.57 11.56
N VAL B 159 -23.26 -32.76 12.59
CA VAL B 159 -22.07 -33.65 12.64
C VAL B 159 -22.07 -34.59 13.77
N ASN B 160 -22.06 -35.90 13.48
CA ASN B 160 -22.11 -37.01 14.51
C ASN B 160 -20.81 -37.70 14.58
N TRP B 161 -19.74 -36.93 14.53
CA TRP B 161 -18.41 -37.39 14.34
C TRP B 161 -18.23 -37.93 13.01
N SER B 162 -18.93 -37.30 12.01
CA SER B 162 -18.82 -37.74 10.64
C SER B 162 -17.40 -37.93 10.10
N ILE B 163 -17.12 -39.23 9.89
CA ILE B 163 -15.86 -39.64 9.25
C ILE B 163 -15.73 -39.02 7.78
N GLU B 164 -16.81 -38.93 7.05
CA GLU B 164 -16.96 -38.29 5.75
C GLU B 164 -16.61 -36.77 5.79
N ARG B 165 -17.11 -36.02 6.83
CA ARG B 165 -16.77 -34.60 6.94
C ARG B 165 -15.27 -34.53 7.28
N TYR B 166 -14.84 -35.48 8.11
CA TYR B 166 -13.49 -35.53 8.62
C TYR B 166 -12.43 -35.80 7.52
N GLU B 167 -12.76 -36.81 6.64
CA GLU B 167 -12.07 -37.04 5.45
C GLU B 167 -12.11 -35.90 4.46
N GLU B 168 -13.20 -35.15 4.32
CA GLU B 168 -13.47 -33.95 3.51
C GLU B 168 -12.56 -32.88 4.02
N CYS B 169 -12.39 -32.73 5.35
CA CYS B 169 -11.44 -31.79 5.87
C CYS B 169 -9.96 -32.01 5.54
N LYS B 170 -9.58 -33.31 5.68
CA LYS B 170 -8.23 -33.71 5.40
C LYS B 170 -7.84 -33.54 3.98
N GLU B 171 -8.79 -34.04 3.09
CA GLU B 171 -8.62 -34.00 1.66
C GLU B 171 -8.61 -32.66 1.08
N LYS B 172 -9.45 -31.77 1.67
CA LYS B 172 -9.45 -30.47 1.15
C LYS B 172 -8.17 -29.74 1.53
N LEU B 173 -7.67 -29.87 2.80
CA LEU B 173 -6.47 -29.17 3.27
C LEU B 173 -5.22 -29.55 2.60
N VAL B 174 -4.90 -30.85 2.29
CA VAL B 174 -3.63 -31.22 1.71
C VAL B 174 -3.42 -30.44 0.42
N PRO B 175 -4.27 -30.24 -0.57
CA PRO B 175 -4.02 -29.34 -1.70
C PRO B 175 -4.17 -27.91 -1.39
N PHE B 176 -5.05 -27.49 -0.45
CA PHE B 176 -5.25 -26.09 -0.19
C PHE B 176 -3.98 -25.53 0.49
N LEU B 177 -3.43 -26.29 1.52
CA LEU B 177 -2.15 -25.96 2.21
C LEU B 177 -1.00 -25.99 1.23
N LYS B 178 -0.89 -27.04 0.32
CA LYS B 178 0.12 -27.28 -0.71
C LYS B 178 0.10 -26.10 -1.66
N LYS B 179 -1.02 -25.65 -2.16
CA LYS B 179 -1.10 -24.46 -2.99
C LYS B 179 -0.78 -23.08 -2.32
N VAL B 180 -1.44 -22.76 -1.16
CA VAL B 180 -1.32 -21.39 -0.64
C VAL B 180 0.03 -20.96 -0.01
N GLY B 181 0.80 -21.97 0.50
CA GLY B 181 2.05 -21.76 1.28
C GLY B 181 3.09 -22.83 1.06
N PHE B 182 2.95 -23.55 -0.03
CA PHE B 182 3.89 -24.53 -0.46
C PHE B 182 4.17 -25.63 0.56
N SER B 183 3.15 -26.12 1.25
CA SER B 183 3.29 -27.17 2.27
C SER B 183 3.45 -28.51 1.69
N PRO B 184 4.23 -29.47 2.25
CA PRO B 184 4.28 -30.77 1.74
C PRO B 184 3.16 -31.54 2.36
N LYS B 185 2.97 -32.75 1.94
CA LYS B 185 1.84 -33.60 2.26
C LYS B 185 1.91 -34.16 3.62
N LYS B 186 3.10 -34.10 4.21
CA LYS B 186 3.40 -34.74 5.52
C LYS B 186 3.97 -33.63 6.42
N ASP B 187 4.08 -33.92 7.77
CA ASP B 187 4.15 -33.02 8.88
C ASP B 187 2.87 -32.28 9.04
N ILE B 188 1.79 -33.11 9.00
CA ILE B 188 0.42 -32.68 9.21
C ILE B 188 -0.16 -33.69 10.20
N HIS B 189 -0.92 -33.25 11.27
CA HIS B 189 -1.52 -34.18 12.25
C HIS B 189 -3.02 -33.87 12.33
N PHE B 190 -3.94 -34.91 12.14
CA PHE B 190 -5.31 -34.69 12.23
C PHE B 190 -5.93 -35.26 13.54
N MET B 191 -6.90 -34.52 14.14
CA MET B 191 -7.63 -34.95 15.37
C MET B 191 -9.02 -34.36 15.37
N PRO B 192 -10.08 -35.14 15.60
CA PRO B 192 -11.39 -34.54 15.79
C PRO B 192 -11.59 -34.02 17.20
N CYS B 193 -12.22 -32.91 17.46
CA CYS B 193 -12.64 -32.51 18.77
C CYS B 193 -13.98 -31.72 18.76
N SER B 194 -14.43 -31.43 19.95
CA SER B 194 -15.51 -30.44 20.09
C SER B 194 -15.17 -29.38 21.19
N GLY B 195 -15.35 -28.10 20.97
CA GLY B 195 -14.83 -27.16 21.96
C GLY B 195 -15.84 -26.85 23.01
N LEU B 196 -17.11 -26.77 22.56
CA LEU B 196 -18.22 -26.51 23.47
C LEU B 196 -18.33 -27.49 24.66
N THR B 197 -18.06 -28.80 24.35
CA THR B 197 -18.16 -29.80 25.41
C THR B 197 -16.84 -30.30 25.78
N GLY B 198 -15.77 -29.82 25.14
CA GLY B 198 -14.50 -30.23 25.40
C GLY B 198 -14.17 -31.67 24.95
N ALA B 199 -14.94 -32.26 24.12
CA ALA B 199 -14.67 -33.63 23.67
C ALA B 199 -13.34 -33.82 22.99
N ASN B 200 -12.54 -34.87 23.37
CA ASN B 200 -11.17 -35.23 22.75
C ASN B 200 -10.07 -34.16 22.97
N ILE B 201 -10.30 -33.16 23.89
CA ILE B 201 -9.28 -32.19 24.34
C ILE B 201 -8.47 -32.85 25.45
N LYS B 202 -9.10 -33.65 26.42
CA LYS B 202 -8.34 -34.21 27.57
C LYS B 202 -8.72 -35.72 27.72
N GLU B 203 -10.05 -36.02 27.49
CA GLU B 203 -10.55 -37.39 27.54
C GLU B 203 -11.16 -37.79 26.23
N GLN B 204 -11.04 -39.09 26.01
CA GLN B 204 -11.68 -39.84 24.94
C GLN B 204 -13.24 -39.92 24.94
N SER B 205 -13.91 -39.45 23.88
CA SER B 205 -15.31 -39.60 23.59
C SER B 205 -15.75 -41.05 23.21
N ASP B 206 -17.03 -41.38 23.49
CA ASP B 206 -17.61 -42.70 23.29
C ASP B 206 -18.71 -42.59 22.25
N PHE B 207 -19.04 -41.32 21.88
CA PHE B 207 -19.77 -40.94 20.64
C PHE B 207 -18.92 -41.13 19.45
N CYS B 208 -17.58 -40.94 19.68
CA CYS B 208 -16.50 -41.21 18.78
C CYS B 208 -15.67 -42.42 19.23
N PRO B 209 -15.95 -43.66 18.71
CA PRO B 209 -15.03 -44.78 18.97
C PRO B 209 -13.90 -44.92 17.97
N TRP B 210 -14.12 -44.36 16.76
CA TRP B 210 -13.29 -44.59 15.54
C TRP B 210 -11.96 -43.89 15.74
N TYR B 211 -11.88 -42.71 16.40
CA TYR B 211 -10.67 -42.09 16.83
C TYR B 211 -10.19 -42.52 18.23
N THR B 212 -9.10 -43.30 18.17
CA THR B 212 -8.52 -43.92 19.30
C THR B 212 -7.12 -43.34 19.53
N GLY B 213 -6.79 -42.20 18.83
CA GLY B 213 -5.59 -41.48 19.11
C GLY B 213 -5.71 -40.58 20.28
N LEU B 214 -4.62 -39.91 20.54
CA LEU B 214 -4.39 -39.04 21.71
C LEU B 214 -5.35 -37.79 21.73
N PRO B 215 -5.92 -37.43 22.88
CA PRO B 215 -6.43 -36.07 22.95
C PRO B 215 -5.48 -34.93 22.87
N PHE B 216 -6.01 -33.68 22.73
CA PHE B 216 -5.26 -32.47 22.55
C PHE B 216 -4.27 -32.03 23.66
N ILE B 217 -4.68 -31.98 24.90
CA ILE B 217 -3.76 -31.73 26.03
C ILE B 217 -2.77 -32.88 26.22
N PRO B 218 -2.97 -34.20 26.11
CA PRO B 218 -1.87 -35.21 26.19
C PRO B 218 -0.96 -35.13 25.02
N TYR B 219 -1.45 -34.91 23.81
CA TYR B 219 -0.69 -34.75 22.58
C TYR B 219 0.29 -33.62 22.59
N LEU B 220 -0.17 -32.38 22.74
CA LEU B 220 0.48 -31.17 22.57
C LEU B 220 1.83 -31.11 23.44
N ASP B 221 1.73 -31.80 24.64
CA ASP B 221 2.69 -31.95 25.60
C ASP B 221 3.88 -32.77 25.11
N ASN B 222 3.49 -33.82 24.38
CA ASN B 222 4.39 -34.88 23.96
C ASN B 222 4.81 -34.77 22.50
N LEU B 223 4.35 -33.73 21.80
CA LEU B 223 4.78 -33.48 20.48
C LEU B 223 6.28 -33.09 20.45
N PRO B 224 7.21 -33.78 19.77
CA PRO B 224 8.61 -33.40 19.77
C PRO B 224 8.96 -32.28 18.90
N ASN B 225 8.21 -31.95 17.84
CA ASN B 225 8.47 -31.01 16.82
C ASN B 225 8.58 -29.52 17.17
N PHE B 226 9.55 -29.10 18.04
CA PHE B 226 9.86 -27.75 18.37
C PHE B 226 11.33 -27.38 18.09
N ASN B 227 11.48 -26.34 17.26
CA ASN B 227 12.71 -25.90 16.62
C ASN B 227 13.05 -24.47 16.95
N ARG B 228 12.45 -23.98 18.03
CA ARG B 228 12.60 -22.57 18.48
C ARG B 228 13.99 -22.07 18.88
N SER B 229 14.83 -22.86 19.61
CA SER B 229 16.07 -22.29 20.19
C SER B 229 17.15 -22.06 19.13
N ILE B 230 17.48 -20.74 18.81
CA ILE B 230 18.55 -20.36 17.83
C ILE B 230 19.71 -19.57 18.45
N ASP B 231 20.93 -20.25 18.55
CA ASP B 231 22.13 -19.53 19.09
C ASP B 231 22.59 -18.36 18.12
N GLY B 232 23.00 -17.22 18.58
CA GLY B 232 23.68 -16.26 17.73
C GLY B 232 23.58 -14.87 18.27
N PRO B 233 24.31 -13.87 17.89
CA PRO B 233 24.12 -12.44 18.23
C PRO B 233 22.71 -11.97 18.10
N ILE B 234 22.20 -11.24 19.05
CA ILE B 234 20.86 -11.44 19.51
C ILE B 234 19.87 -10.53 18.79
N ARG B 235 18.66 -11.09 18.58
CA ARG B 235 17.61 -10.47 17.78
C ARG B 235 16.27 -10.68 18.30
N LEU B 236 15.58 -9.55 18.51
CA LEU B 236 14.17 -9.53 18.83
C LEU B 236 13.33 -8.55 17.89
N PRO B 237 12.57 -9.03 16.84
CA PRO B 237 11.40 -8.34 16.24
C PRO B 237 10.38 -7.94 17.32
N ILE B 238 9.96 -6.59 17.27
CA ILE B 238 8.82 -6.20 18.17
C ILE B 238 7.51 -6.63 17.54
N VAL B 239 6.81 -7.52 18.32
CA VAL B 239 5.46 -7.93 17.94
C VAL B 239 4.33 -7.18 18.60
N ASP B 240 4.49 -6.79 19.87
CA ASP B 240 3.44 -5.92 20.50
C ASP B 240 4.09 -4.96 21.43
N LYS B 241 3.33 -3.83 21.64
CA LYS B 241 3.70 -2.67 22.49
C LYS B 241 2.51 -2.48 23.44
N TYR B 242 2.79 -2.16 24.73
CA TYR B 242 1.69 -1.72 25.65
C TYR B 242 2.24 -1.40 27.10
N LYS B 243 1.51 -0.52 27.78
CA LYS B 243 1.75 -0.14 29.14
C LYS B 243 0.84 -0.95 30.07
N ASP B 244 1.45 -1.46 31.14
CA ASP B 244 0.77 -2.23 32.23
C ASP B 244 1.49 -2.00 33.51
N MET B 245 2.33 -2.91 33.93
CA MET B 245 3.32 -2.72 34.97
C MET B 245 4.54 -2.26 34.21
N GLY B 246 4.83 -0.89 34.27
CA GLY B 246 5.68 -0.19 33.39
C GLY B 246 5.36 -0.29 31.88
N THR B 247 6.38 0.07 31.02
CA THR B 247 6.17 -0.10 29.56
C THR B 247 6.74 -1.48 29.22
N VAL B 248 5.94 -2.21 28.37
CA VAL B 248 6.25 -3.60 28.09
C VAL B 248 6.28 -3.70 26.54
N VAL B 249 7.07 -4.67 26.06
CA VAL B 249 7.48 -4.92 24.71
C VAL B 249 7.48 -6.50 24.63
N LEU B 250 6.87 -7.04 23.57
CA LEU B 250 6.72 -8.41 23.35
C LEU B 250 7.36 -8.83 22.01
N GLY B 251 8.09 -9.94 21.94
CA GLY B 251 8.59 -10.35 20.71
C GLY B 251 9.16 -11.78 20.68
N LYS B 252 9.69 -12.26 19.56
CA LYS B 252 10.26 -13.59 19.63
C LYS B 252 11.76 -13.51 19.63
N LEU B 253 12.50 -14.35 20.42
CA LEU B 253 13.94 -14.26 20.52
C LEU B 253 14.52 -15.08 19.37
N GLU B 254 14.74 -14.46 18.20
CA GLU B 254 14.99 -15.18 16.97
C GLU B 254 16.51 -15.26 16.75
N SER B 255 17.33 -15.26 17.80
CA SER B 255 18.80 -15.37 17.82
C SER B 255 19.13 -15.02 19.27
N GLY B 256 19.85 -15.91 19.95
CA GLY B 256 20.52 -15.66 21.24
C GLY B 256 19.73 -15.21 22.48
N SER B 257 20.55 -14.87 23.56
CA SER B 257 20.06 -14.72 24.95
C SER B 257 20.38 -13.31 25.53
N ILE B 258 19.35 -12.65 26.11
CA ILE B 258 19.46 -11.28 26.69
C ILE B 258 19.10 -11.24 28.23
N CYS B 259 20.11 -10.92 29.09
CA CYS B 259 20.04 -10.92 30.56
C CYS B 259 19.59 -9.54 31.04
N LYS B 260 18.67 -9.51 32.05
CA LYS B 260 18.10 -8.40 32.79
C LYS B 260 19.12 -7.35 33.28
N GLY B 261 18.82 -6.06 33.04
CA GLY B 261 19.69 -4.96 33.50
C GLY B 261 20.61 -4.46 32.41
N GLN B 262 20.58 -5.08 31.22
CA GLN B 262 21.58 -4.78 30.16
C GLN B 262 21.02 -4.07 29.03
N GLN B 263 21.82 -3.21 28.40
CA GLN B 263 21.57 -2.56 27.10
C GLN B 263 20.83 -3.49 26.04
N LEU B 264 19.85 -3.04 25.26
CA LEU B 264 19.77 -3.28 23.86
C LEU B 264 19.97 -2.08 23.06
N VAL B 265 19.96 -2.21 21.71
CA VAL B 265 19.78 -1.10 20.83
C VAL B 265 18.83 -1.53 19.82
N MET B 266 17.96 -0.59 19.34
CA MET B 266 16.85 -0.92 18.40
C MET B 266 17.35 -0.75 16.99
N MET B 267 16.65 -1.11 15.92
CA MET B 267 17.17 -0.88 14.57
C MET B 267 16.04 -0.40 13.69
N PRO B 268 16.24 0.05 12.43
CA PRO B 268 17.30 1.06 12.07
C PRO B 268 17.54 2.21 13.08
N ASN B 269 16.48 2.56 13.84
CA ASN B 269 16.46 3.54 14.94
C ASN B 269 17.80 3.86 15.67
N LYS B 270 18.44 2.83 16.19
CA LYS B 270 19.71 2.91 16.96
C LYS B 270 19.51 3.50 18.33
N HIS B 271 18.36 3.18 18.93
CA HIS B 271 17.87 3.75 20.15
C HIS B 271 18.32 2.98 21.33
N ASN B 272 19.23 3.58 22.23
CA ASN B 272 19.78 2.88 23.40
C ASN B 272 18.68 2.60 24.40
N VAL B 273 18.63 1.41 25.03
CA VAL B 273 17.50 0.96 25.85
C VAL B 273 17.85 -0.14 26.77
N GLU B 274 17.36 -0.16 28.00
CA GLU B 274 17.84 -1.03 29.01
C GLU B 274 16.67 -1.91 29.48
N VAL B 275 16.85 -3.23 29.79
CA VAL B 275 15.80 -4.03 30.40
C VAL B 275 15.56 -3.70 31.86
N LEU B 276 14.32 -3.67 32.42
CA LEU B 276 13.97 -3.39 33.74
C LEU B 276 13.41 -4.68 34.37
N GLY B 277 12.97 -5.74 33.66
CA GLY B 277 12.33 -6.90 34.21
C GLY B 277 11.97 -7.75 33.09
N ILE B 278 12.15 -9.04 33.23
CA ILE B 278 12.01 -10.04 32.21
C ILE B 278 10.98 -11.01 32.81
N LEU B 279 9.92 -11.22 32.05
CA LEU B 279 8.90 -12.23 32.18
C LEU B 279 9.12 -13.07 31.06
N SER B 280 9.85 -14.20 31.05
CA SER B 280 9.91 -14.95 29.77
C SER B 280 8.64 -15.81 29.71
N ASP B 281 8.11 -16.00 28.53
CA ASP B 281 6.77 -16.26 28.24
C ASP B 281 5.85 -15.51 29.27
N ASP B 282 5.29 -16.14 30.34
CA ASP B 282 4.50 -15.43 31.28
C ASP B 282 4.98 -15.70 32.73
N VAL B 283 6.28 -15.97 32.97
CA VAL B 283 6.78 -16.00 34.36
C VAL B 283 8.14 -15.33 34.61
N GLU B 284 8.34 -14.74 35.77
CA GLU B 284 9.57 -13.94 35.93
C GLU B 284 10.83 -14.69 35.75
N THR B 285 11.77 -14.15 34.94
CA THR B 285 13.11 -14.77 34.80
C THR B 285 14.00 -13.62 34.86
N ASP B 286 15.28 -13.96 35.08
CA ASP B 286 16.35 -13.03 35.11
C ASP B 286 17.30 -13.34 33.93
N THR B 287 17.48 -14.64 33.60
CA THR B 287 18.04 -15.16 32.36
C THR B 287 17.00 -15.60 31.32
N VAL B 288 17.27 -15.46 30.02
CA VAL B 288 16.31 -15.93 29.08
C VAL B 288 17.07 -16.37 27.80
N ALA B 289 16.92 -17.65 27.43
CA ALA B 289 17.60 -18.29 26.28
C ALA B 289 16.91 -18.04 24.97
N PRO B 290 17.49 -18.36 23.76
CA PRO B 290 16.85 -18.08 22.49
C PRO B 290 15.59 -18.90 22.23
N GLY B 291 14.67 -18.39 21.39
CA GLY B 291 13.46 -19.05 21.01
C GLY B 291 12.24 -18.85 21.88
N GLU B 292 12.39 -18.22 23.01
CA GLU B 292 11.35 -17.91 23.97
C GLU B 292 10.60 -16.56 23.58
N ASN B 293 9.26 -16.49 23.72
CA ASN B 293 8.50 -15.28 23.41
C ASN B 293 8.63 -14.43 24.61
N LEU B 294 9.36 -13.35 24.40
CA LEU B 294 9.75 -12.52 25.43
C LEU B 294 8.70 -11.48 25.79
N LYS B 295 8.50 -11.04 27.05
CA LYS B 295 7.49 -10.02 27.50
C LYS B 295 8.35 -9.18 28.49
N ILE B 296 9.09 -8.19 27.98
CA ILE B 296 10.16 -7.49 28.69
C ILE B 296 9.68 -6.12 29.19
N ARG B 297 9.89 -5.75 30.42
CA ARG B 297 9.69 -4.33 30.70
C ARG B 297 10.95 -3.53 30.30
N LEU B 298 10.83 -2.48 29.48
CA LEU B 298 11.95 -1.67 29.06
C LEU B 298 12.01 -0.34 29.72
N LYS B 299 13.13 0.27 29.68
CA LYS B 299 13.45 1.67 30.02
C LYS B 299 14.35 2.34 28.94
N GLY B 300 13.70 3.29 28.22
CA GLY B 300 14.31 3.94 27.03
C GLY B 300 14.15 5.44 27.06
N ILE B 301 14.29 6.19 25.96
CA ILE B 301 14.15 7.66 25.97
C ILE B 301 12.79 7.96 25.37
N GLU B 302 12.29 6.95 24.59
CA GLU B 302 11.01 6.99 24.12
C GLU B 302 10.40 5.63 24.54
N GLU B 303 9.02 5.50 24.61
CA GLU B 303 8.26 4.41 25.26
C GLU B 303 6.80 4.34 24.88
N GLU B 304 6.33 5.35 24.07
CA GLU B 304 4.93 5.27 23.71
C GLU B 304 4.70 5.55 22.17
N GLU B 305 5.73 6.10 21.59
CA GLU B 305 5.93 6.10 20.13
C GLU B 305 6.80 4.97 19.68
N ILE B 306 7.18 4.00 20.51
CA ILE B 306 8.03 2.80 20.14
C ILE B 306 7.26 1.94 19.16
N LEU B 307 7.87 1.73 17.96
CA LEU B 307 7.15 1.14 16.83
C LEU B 307 7.24 -0.46 16.77
N PRO B 308 6.13 -1.18 16.58
CA PRO B 308 6.18 -2.60 16.32
C PRO B 308 6.53 -2.94 14.89
N GLY B 309 7.32 -4.01 14.60
CA GLY B 309 7.70 -4.35 13.22
C GLY B 309 9.06 -3.86 12.88
N PHE B 310 9.82 -3.34 13.84
CA PHE B 310 11.25 -3.16 13.76
C PHE B 310 11.86 -4.15 14.75
N ILE B 311 13.12 -4.42 14.64
CA ILE B 311 13.89 -5.23 15.55
C ILE B 311 14.56 -4.43 16.68
N LEU B 312 14.59 -4.94 17.95
CA LEU B 312 15.68 -4.91 18.79
C LEU B 312 16.91 -5.86 18.47
N CYS B 313 18.14 -5.39 18.75
CA CYS B 313 19.33 -6.01 18.42
C CYS B 313 20.49 -5.78 19.37
N ASP B 314 21.54 -6.60 19.29
CA ASP B 314 22.69 -6.65 20.04
C ASP B 314 23.50 -5.30 20.06
N PRO B 315 24.13 -4.79 21.10
CA PRO B 315 24.54 -3.36 21.06
C PRO B 315 25.95 -2.91 20.59
N ASN B 316 27.07 -3.64 20.66
CA ASN B 316 27.27 -4.98 20.08
C ASN B 316 26.74 -5.16 18.61
N ASN B 317 26.44 -6.37 18.09
CA ASN B 317 26.39 -6.58 16.68
C ASN B 317 25.02 -6.27 16.03
N LEU B 318 24.83 -5.05 15.61
CA LEU B 318 23.60 -4.63 15.02
C LEU B 318 23.57 -5.18 13.60
N CYS B 319 22.40 -4.98 12.95
CA CYS B 319 21.80 -6.08 12.21
C CYS B 319 21.42 -5.45 10.86
N HIS B 320 21.29 -6.30 9.86
CA HIS B 320 21.11 -5.81 8.45
C HIS B 320 19.82 -5.10 8.16
N SER B 321 19.83 -4.23 7.19
CA SER B 321 18.68 -3.41 6.90
C SER B 321 18.76 -3.10 5.42
N GLY B 322 17.63 -2.58 4.94
CA GLY B 322 17.49 -2.24 3.56
C GLY B 322 17.50 -0.82 3.46
N ARG B 323 17.03 -0.30 2.32
CA ARG B 323 15.67 -0.12 1.99
C ARG B 323 15.45 -0.50 0.54
N THR B 324 16.51 -1.10 -0.10
CA THR B 324 16.61 -1.49 -1.45
C THR B 324 17.06 -2.94 -1.33
N PHE B 325 16.45 -3.70 -2.24
CA PHE B 325 16.74 -5.14 -2.25
C PHE B 325 16.39 -5.94 -3.51
N ASP B 326 17.05 -7.08 -3.81
CA ASP B 326 16.65 -7.94 -4.87
C ASP B 326 15.93 -9.11 -4.27
N ALA B 327 14.96 -9.70 -4.96
CA ALA B 327 14.16 -10.75 -4.37
C ALA B 327 13.46 -11.55 -5.39
N GLN B 328 13.24 -12.84 -5.03
CA GLN B 328 12.48 -13.84 -5.89
C GLN B 328 10.98 -13.79 -5.61
N ILE B 329 10.16 -13.53 -6.61
CA ILE B 329 8.71 -13.43 -6.42
C ILE B 329 8.05 -14.34 -7.37
N VAL B 330 6.89 -14.86 -6.97
CA VAL B 330 6.25 -16.07 -7.52
C VAL B 330 4.65 -15.87 -7.55
N ILE B 331 3.97 -15.77 -8.73
CA ILE B 331 2.91 -14.77 -8.91
C ILE B 331 1.69 -15.69 -8.89
N ILE B 332 1.08 -15.87 -7.70
CA ILE B 332 0.01 -16.85 -7.45
C ILE B 332 -1.37 -16.40 -7.90
N GLU B 333 -1.66 -15.13 -7.69
CA GLU B 333 -2.90 -14.51 -8.03
C GLU B 333 -2.58 -13.08 -7.75
N HIS B 334 -1.84 -12.40 -8.70
CA HIS B 334 -2.24 -10.96 -8.89
C HIS B 334 -3.70 -10.73 -9.36
N LYS B 335 -4.24 -11.40 -10.42
CA LYS B 335 -3.73 -12.51 -11.23
C LYS B 335 -3.16 -11.90 -12.51
N SER B 336 -3.62 -10.68 -12.87
CA SER B 336 -3.08 -9.89 -14.01
C SER B 336 -1.56 -9.58 -13.94
N ILE B 337 -0.96 -9.05 -15.04
CA ILE B 337 0.29 -8.36 -15.25
C ILE B 337 0.81 -7.68 -14.00
N ILE B 338 2.06 -8.00 -13.58
CA ILE B 338 2.96 -7.06 -12.82
C ILE B 338 3.97 -6.79 -13.88
N CYS B 339 4.27 -5.50 -14.10
CA CYS B 339 5.52 -5.10 -14.73
C CYS B 339 6.17 -4.21 -13.68
N PRO B 340 7.42 -3.71 -13.94
CA PRO B 340 8.13 -2.65 -13.16
C PRO B 340 7.28 -1.50 -12.72
N GLY B 341 7.48 -0.88 -11.56
CA GLY B 341 6.61 0.17 -11.01
C GLY B 341 5.38 -0.36 -10.36
N TYR B 342 5.26 -1.72 -10.23
CA TYR B 342 4.14 -2.34 -9.50
C TYR B 342 4.28 -1.99 -7.93
N ASN B 343 3.14 -1.80 -7.16
CA ASN B 343 3.24 -1.60 -5.73
C ASN B 343 2.47 -2.59 -4.95
N ALA B 344 2.76 -2.73 -3.66
CA ALA B 344 1.96 -3.59 -2.76
C ALA B 344 2.31 -3.24 -1.33
N VAL B 345 1.63 -3.90 -0.33
CA VAL B 345 2.07 -3.72 1.01
C VAL B 345 2.85 -5.01 1.30
N LEU B 346 3.92 -4.93 2.11
CA LEU B 346 4.92 -5.96 2.34
C LEU B 346 4.84 -6.54 3.71
N HIS B 347 4.42 -7.81 3.89
CA HIS B 347 4.51 -8.55 5.11
C HIS B 347 5.76 -9.39 5.21
N ILE B 348 6.64 -9.11 6.20
CA ILE B 348 7.63 -10.04 6.73
C ILE B 348 7.30 -9.98 8.20
N HIS B 349 7.48 -11.04 8.97
CA HIS B 349 7.23 -11.14 10.46
C HIS B 349 5.99 -10.36 11.01
N THR B 350 6.20 -9.17 11.64
CA THR B 350 5.17 -8.27 12.08
C THR B 350 5.25 -6.88 11.35
N CYS B 351 6.02 -6.83 10.34
CA CYS B 351 6.08 -5.68 9.50
C CYS B 351 4.99 -5.72 8.46
N ILE B 352 4.47 -4.53 8.09
CA ILE B 352 3.41 -4.39 7.11
C ILE B 352 3.76 -2.96 6.40
N GLU B 353 4.88 -2.84 5.56
CA GLU B 353 5.37 -1.59 4.96
C GLU B 353 5.03 -1.55 3.47
N GLU B 354 4.82 -0.36 2.89
CA GLU B 354 4.61 -0.27 1.47
C GLU B 354 5.90 -0.65 0.66
N VAL B 355 5.82 -1.11 -0.61
CA VAL B 355 6.97 -1.51 -1.42
C VAL B 355 6.59 -1.32 -2.81
N GLU B 356 7.53 -1.03 -3.74
CA GLU B 356 7.47 -0.90 -5.15
C GLU B 356 8.62 -1.65 -5.86
N ILE B 357 8.35 -2.27 -7.06
CA ILE B 357 9.42 -2.99 -7.80
C ILE B 357 10.13 -2.01 -8.71
N THR B 358 11.39 -1.65 -8.56
CA THR B 358 12.15 -0.71 -9.33
C THR B 358 12.35 -1.34 -10.73
N ALA B 359 13.42 -2.12 -10.95
CA ALA B 359 13.63 -2.80 -12.21
C ALA B 359 13.37 -4.34 -12.01
N LEU B 360 13.01 -4.98 -13.11
CA LEU B 360 12.66 -6.41 -13.16
C LEU B 360 13.83 -7.09 -13.81
N ILE B 361 14.43 -8.03 -13.11
CA ILE B 361 15.69 -8.71 -13.38
C ILE B 361 15.43 -9.80 -14.47
N CYS B 362 15.28 -11.04 -14.04
CA CYS B 362 15.11 -12.16 -14.90
C CYS B 362 14.02 -13.12 -14.36
N LEU B 363 13.48 -13.88 -15.35
CA LEU B 363 12.64 -15.03 -15.13
C LEU B 363 13.40 -16.21 -14.52
N VAL B 364 12.75 -17.04 -13.65
CA VAL B 364 13.37 -18.14 -12.92
C VAL B 364 12.36 -19.29 -12.96
N ASP B 365 12.75 -20.50 -13.08
CA ASP B 365 11.86 -21.66 -13.08
C ASP B 365 11.63 -22.12 -11.60
N LYS B 366 10.51 -22.83 -11.31
CA LYS B 366 10.16 -23.37 -10.00
C LYS B 366 11.16 -24.50 -9.70
N LYS B 367 11.41 -25.33 -10.74
CA LYS B 367 12.36 -26.45 -10.84
C LYS B 367 13.80 -26.11 -11.16
N SER B 368 14.67 -26.90 -10.54
CA SER B 368 16.10 -26.67 -10.57
C SER B 368 16.67 -25.34 -10.04
N GLY B 369 15.83 -24.32 -9.89
CA GLY B 369 16.26 -22.92 -9.59
C GLY B 369 16.87 -22.06 -10.73
N GLU B 370 16.66 -22.45 -12.02
CA GLU B 370 17.38 -21.95 -13.14
C GLU B 370 16.78 -20.68 -13.77
N LYS B 371 17.52 -19.57 -13.76
CA LYS B 371 17.12 -18.32 -14.36
C LYS B 371 17.18 -18.29 -15.88
N SER B 372 16.47 -17.38 -16.57
CA SER B 372 16.61 -17.10 -18.00
C SER B 372 17.83 -16.17 -18.19
N LYS B 373 18.49 -16.23 -19.37
CA LYS B 373 19.71 -15.57 -19.68
C LYS B 373 19.41 -14.27 -20.35
N THR B 374 18.17 -14.07 -20.79
CA THR B 374 17.62 -12.82 -21.20
C THR B 374 16.77 -12.15 -20.15
N ARG B 375 16.39 -10.93 -20.32
CA ARG B 375 15.57 -10.22 -19.40
C ARG B 375 14.19 -9.85 -20.11
N PRO B 376 12.98 -9.75 -19.41
CA PRO B 376 11.62 -9.65 -19.95
C PRO B 376 11.05 -8.28 -19.86
N ARG B 377 9.95 -8.02 -20.59
CA ARG B 377 9.12 -6.93 -20.16
C ARG B 377 8.47 -7.10 -18.81
N PHE B 378 7.84 -8.24 -18.64
CA PHE B 378 6.92 -8.43 -17.52
C PHE B 378 6.83 -9.80 -17.00
N VAL B 379 6.06 -10.01 -15.98
CA VAL B 379 5.74 -11.35 -15.41
C VAL B 379 4.27 -11.47 -15.23
N LYS B 380 3.72 -12.68 -15.26
CA LYS B 380 2.34 -13.04 -15.15
C LYS B 380 2.11 -14.16 -14.16
N GLN B 381 0.80 -14.52 -13.94
CA GLN B 381 0.33 -15.60 -13.13
C GLN B 381 1.00 -16.91 -13.41
N ASP B 382 1.34 -17.68 -12.32
CA ASP B 382 1.93 -18.99 -12.36
C ASP B 382 3.41 -19.04 -12.77
N GLN B 383 3.94 -17.90 -13.18
CA GLN B 383 5.43 -17.77 -13.29
C GLN B 383 6.06 -17.36 -12.00
N VAL B 384 7.45 -17.30 -12.05
CA VAL B 384 8.35 -16.91 -11.00
C VAL B 384 9.55 -16.07 -11.61
N CYS B 385 10.10 -15.08 -10.82
CA CYS B 385 11.13 -14.14 -11.37
C CYS B 385 11.76 -13.52 -10.15
N ILE B 386 12.78 -12.76 -10.46
CA ILE B 386 13.64 -11.95 -9.63
C ILE B 386 13.48 -10.49 -9.95
N ALA B 387 13.29 -9.64 -8.88
CA ALA B 387 12.94 -8.28 -9.02
C ALA B 387 13.74 -7.49 -7.94
N ARG B 388 13.93 -6.21 -8.24
CA ARG B 388 14.47 -5.25 -7.33
C ARG B 388 13.34 -4.47 -6.71
N LEU B 389 13.48 -4.16 -5.44
CA LEU B 389 12.39 -3.63 -4.65
C LEU B 389 12.84 -2.50 -3.74
N ARG B 390 12.09 -1.38 -3.72
CA ARG B 390 12.29 -0.29 -2.77
C ARG B 390 11.14 -0.27 -1.82
N THR B 391 11.38 -0.25 -0.49
CA THR B 391 10.33 0.09 0.48
C THR B 391 10.10 1.62 0.56
N ALA B 392 8.91 2.06 0.99
CA ALA B 392 8.60 3.45 1.24
C ALA B 392 9.63 4.16 2.17
N GLY B 393 9.85 3.65 3.36
CA GLY B 393 10.77 3.94 4.43
C GLY B 393 11.73 2.79 4.47
N THR B 394 12.33 2.61 5.63
CA THR B 394 13.39 1.65 5.88
C THR B 394 12.94 0.55 6.82
N ILE B 395 13.08 -0.72 6.40
CA ILE B 395 12.88 -1.91 7.20
C ILE B 395 14.19 -2.59 7.47
N CYS B 396 14.34 -3.27 8.65
CA CYS B 396 15.48 -4.19 8.94
C CYS B 396 15.25 -5.59 8.63
N LEU B 397 16.13 -6.28 7.89
CA LEU B 397 15.88 -7.56 7.28
C LEU B 397 17.14 -8.40 7.43
N GLU B 398 17.00 -9.71 7.38
CA GLU B 398 18.00 -10.73 7.18
C GLU B 398 17.75 -11.11 5.73
N THR B 399 18.78 -11.80 5.16
CA THR B 399 18.49 -12.56 3.87
C THR B 399 17.81 -13.88 4.14
N PHE B 400 17.09 -14.52 3.18
CA PHE B 400 16.36 -15.79 3.40
C PHE B 400 17.37 -16.92 3.82
N LYS B 401 18.52 -16.87 3.12
CA LYS B 401 19.78 -17.62 3.37
C LYS B 401 20.36 -17.30 4.81
N ASP B 402 20.32 -16.09 5.33
CA ASP B 402 20.57 -15.89 6.73
C ASP B 402 19.47 -16.56 7.72
N PHE B 403 18.29 -15.91 7.83
CA PHE B 403 17.21 -16.45 8.56
C PHE B 403 15.87 -16.28 7.85
N PRO B 404 15.12 -17.36 7.47
CA PRO B 404 14.00 -17.16 6.58
C PRO B 404 12.84 -16.44 7.31
N GLN B 405 12.68 -16.48 8.64
CA GLN B 405 11.54 -15.87 9.32
C GLN B 405 11.64 -14.26 9.21
N MET B 406 12.90 -13.77 9.03
CA MET B 406 13.14 -12.34 8.66
C MET B 406 13.39 -12.17 7.20
N GLY B 407 13.07 -13.18 6.27
CA GLY B 407 13.38 -13.13 4.85
C GLY B 407 12.26 -13.46 3.97
N ARG B 408 11.40 -14.44 4.32
CA ARG B 408 10.18 -14.80 3.63
C ARG B 408 9.04 -13.70 3.69
N PHE B 409 8.64 -13.15 2.55
CA PHE B 409 7.70 -12.05 2.53
C PHE B 409 6.45 -12.34 1.70
N THR B 410 5.41 -11.47 1.77
CA THR B 410 4.11 -11.81 1.24
C THR B 410 3.73 -10.47 0.57
N LEU B 411 3.42 -10.53 -0.67
CA LEU B 411 2.92 -9.44 -1.48
C LEU B 411 1.36 -9.31 -1.34
N ARG B 412 0.90 -8.47 -0.41
CA ARG B 412 -0.41 -8.13 -0.03
C ARG B 412 -0.95 -6.90 -0.66
N ASP B 413 -2.05 -7.10 -1.41
CA ASP B 413 -2.86 -6.09 -1.96
C ASP B 413 -4.20 -6.74 -2.01
N GLU B 414 -5.29 -5.96 -1.98
CA GLU B 414 -6.68 -6.40 -1.65
C GLU B 414 -6.69 -7.27 -0.36
N GLY B 415 -7.70 -8.16 -0.19
CA GLY B 415 -7.65 -9.22 0.85
C GLY B 415 -7.31 -10.49 0.15
N LYS B 416 -6.13 -10.52 -0.40
CA LYS B 416 -5.65 -11.59 -1.28
C LYS B 416 -4.13 -11.71 -1.16
N THR B 417 -3.42 -12.67 -1.81
CA THR B 417 -1.97 -12.80 -1.86
C THR B 417 -1.45 -12.96 -3.24
N ILE B 418 -0.47 -12.13 -3.65
CA ILE B 418 -0.17 -11.95 -5.05
C ILE B 418 1.10 -12.84 -5.31
N ALA B 419 2.00 -12.97 -4.40
CA ALA B 419 3.15 -13.68 -4.62
C ALA B 419 3.68 -13.97 -3.24
N ILE B 420 4.69 -14.95 -3.11
CA ILE B 420 5.39 -15.18 -1.86
C ILE B 420 6.81 -14.88 -2.16
N GLY B 421 7.48 -14.04 -1.36
CA GLY B 421 8.75 -13.45 -1.71
C GLY B 421 9.80 -13.98 -0.83
N LYS B 422 11.02 -13.97 -1.39
CA LYS B 422 12.20 -14.58 -0.82
C LYS B 422 13.35 -13.63 -1.11
N VAL B 423 13.80 -12.98 0.02
CA VAL B 423 14.80 -11.90 -0.16
C VAL B 423 16.15 -12.50 -0.42
N LEU B 424 16.75 -11.98 -1.47
CA LEU B 424 18.08 -12.52 -1.82
C LEU B 424 19.23 -11.52 -1.53
N LYS B 425 19.35 -10.28 -2.12
CA LYS B 425 20.46 -9.38 -1.92
C LYS B 425 20.00 -8.08 -1.25
N LEU B 426 20.48 -7.75 0.00
CA LEU B 426 20.21 -6.54 0.78
C LEU B 426 21.13 -5.45 0.38
N VAL B 427 20.61 -4.35 -0.17
CA VAL B 427 21.27 -3.22 -0.77
C VAL B 427 20.90 -2.04 0.16
N PRO B 428 21.65 -0.98 0.32
CA PRO B 428 22.99 -0.77 -0.04
C PRO B 428 24.05 -1.47 0.75
#